data_8TVT
#
_entry.id   8TVT
#
_cell.length_a   86.270
_cell.length_b   86.270
_cell.length_c   246.030
_cell.angle_alpha   90.00
_cell.angle_beta   90.00
_cell.angle_gamma   90.00
#
_symmetry.space_group_name_H-M   'P 41 21 2'
#
loop_
_entity.id
_entity.type
_entity.pdbx_description
1 polymer 'Cysteine desulfurase'
2 polymer 'LYR motif-containing protein 4'
3 polymer 'Acyl carrier protein'
4 polymer 'Iron-sulfur cluster assembly enzyme ISCU'
5 non-polymer 1,2-ETHANEDIOL
6 non-polymer "PYRIDOXAL-5'-PHOSPHATE"
7 non-polymer L-Propargylglycine
8 non-polymer GLYCEROL
9 non-polymer DI(HYDROXYETHYL)ETHER
10 non-polymer 'TETRAETHYLENE GLYCOL'
11 non-polymer 2,5,8,11,14,17-HEXAOXANONADECAN-19-OL
12 non-polymer 2,3-DIHYDROXY-1,4-DITHIOBUTANE
13 non-polymer 'TRIETHYLENE GLYCOL'
14 non-polymer '{[-(BIS-CARBOXYMETHYL-AMINO)-ETHYL]-CARBOXYMETHYL-AMINO}-ACETIC ACID'
15 non-polymer 'S-[2-({N-[(2R)-2-hydroxy-3,3-dimethyl-4-(phosphonooxy)butanoyl]-beta-alanyl}amino)ethyl] dodecanethioate'
16 non-polymer '2-(N-MORPHOLINO)-ETHANESULFONIC ACID'
17 non-polymer 'PENTAETHYLENE GLYCOL'
18 water water
#
loop_
_entity_poly.entity_id
_entity_poly.type
_entity_poly.pdbx_seq_one_letter_code
_entity_poly.pdbx_strand_id
1 'polypeptide(L)'
;MGSSLRPLYMDVQATTPLDPRVLDAMLPYLINYYGNPHSRTHAYGWESEAAMERARQQVASLIGADPREIIFTSGATESN
NIAIKGVARFYRSRKKHLITTQTEHKCVLDSCRSLEAEGFQVTYLPVQKSGIIDLKELEAAIQPDTSLVSVMTVNNEIGV
KQPIAEIGRICSSRKVYFHTDAAQAVGKIPLDVNDMKIDLMSISGHKIYGPKGVGAIYIRRRPRVRVEALQSGGGQERGM
RSGTVPTPLVVGLGAACEVAQQEMEYDHKRISKLSERLIQNIMKSLPDVVMNGDPKHHYPGCINLSFAYVEGESLLMALK
DVALSSGSACTSASLEPSYVLRAIGTDEDLAHSSIRFGIGRFTTEEEVDYTVEKCIQHVKRLREMSPLWEMVQDGIDLKS
IKW
;
A
2 'polypeptide(L)'
;MAASSRAQVLALYRAMLRESKRFSAYNYRTYAVRRIRDAFRENKNVKDPVEIQTLVNKAKRDLGVIRRQVHIGQLYSTDK
LIIENRDMPRT
;
B
3 'polypeptide(L)' STIEERVKKIIGEQLGVKQEEVTNNASFVEDLGADSLDTVELVMALEEEFDTEIPDEEAEKITTVQAAIDYINGHQ C
4 'polypeptide(L)'
;MAYHKKVVDHYENPRNVGSLDKTSKNVGTGLVGAPACGDVMKLQIQVDEKGKIVDARFKTFGCGSAIASSSLATEWVKGK
TVEEALTIKNTDIAKELCLPPVKLHCSMLAEDAIKAALADYKLKQEPKKGEAEKK
;
D
#
loop_
_chem_comp.id
_chem_comp.type
_chem_comp.name
_chem_comp.formula
1PE non-polymer 'PENTAETHYLENE GLYCOL' 'C10 H22 O6'
8Q1 non-polymer 'S-[2-({N-[(2R)-2-hydroxy-3,3-dimethyl-4-(phosphonooxy)butanoyl]-beta-alanyl}amino)ethyl] dodecanethioate' 'C23 H45 N2 O8 P S'
DTT non-polymer 2,3-DIHYDROXY-1,4-DITHIOBUTANE 'C4 H10 O2 S2'
EDO non-polymer 1,2-ETHANEDIOL 'C2 H6 O2'
EDT non-polymer '{[-(BIS-CARBOXYMETHYL-AMINO)-ETHYL]-CARBOXYMETHYL-AMINO}-ACETIC ACID' 'C10 H16 N2 O8'
GOL non-polymer GLYCEROL 'C3 H8 O3'
MES non-polymer '2-(N-MORPHOLINO)-ETHANESULFONIC ACID' 'C6 H13 N O4 S'
P15 non-polymer 2,5,8,11,14,17-HEXAOXANONADECAN-19-OL 'C13 H28 O7'
PEG non-polymer DI(HYDROXYETHYL)ETHER 'C4 H10 O3'
PG4 non-polymer 'TETRAETHYLENE GLYCOL' 'C8 H18 O5'
PGE non-polymer 'TRIETHYLENE GLYCOL' 'C6 H14 O4'
PLP non-polymer PYRIDOXAL-5'-PHOSPHATE 'C8 H10 N O6 P'
#
# COMPACT_ATOMS: atom_id res chain seq x y z
N SER A 4 -8.83 -8.03 -19.91
CA SER A 4 -8.23 -6.72 -20.16
C SER A 4 -7.07 -6.37 -19.17
N LEU A 5 -6.47 -5.20 -19.40
CA LEU A 5 -5.22 -4.87 -18.72
C LEU A 5 -5.47 -4.55 -17.25
N ARG A 6 -4.50 -4.93 -16.38
CA ARG A 6 -4.71 -4.86 -14.93
C ARG A 6 -4.17 -3.56 -14.33
N PRO A 7 -4.75 -3.14 -13.21
CA PRO A 7 -4.36 -1.88 -12.59
C PRO A 7 -3.04 -2.07 -11.89
N LEU A 8 -2.32 -0.96 -11.73
CA LEU A 8 -1.11 -0.92 -10.91
C LEU A 8 -1.45 -1.17 -9.46
N TYR A 9 -0.59 -1.90 -8.74
CA TYR A 9 -0.85 -2.15 -7.33
C TYR A 9 -0.13 -1.10 -6.50
N MET A 10 -0.87 -0.19 -5.86
CA MET A 10 -0.28 0.87 -4.98
C MET A 10 -0.94 0.83 -3.59
N ASP A 11 -1.15 -0.39 -3.10
CA ASP A 11 -1.99 -0.62 -1.92
C ASP A 11 -1.30 -1.62 -0.95
N VAL A 12 0.02 -1.51 -0.81
CA VAL A 12 0.76 -2.48 0.00
C VAL A 12 0.45 -2.42 1.50
N GLN A 13 -0.17 -1.36 2.04
CA GLN A 13 -0.56 -1.44 3.46
C GLN A 13 -1.75 -2.37 3.66
N ALA A 14 -2.54 -2.68 2.62
CA ALA A 14 -3.66 -3.62 2.76
C ALA A 14 -3.18 -5.08 2.70
N THR A 15 -2.16 -5.37 1.87
CA THR A 15 -1.48 -6.65 1.80
C THR A 15 -0.44 -6.51 0.70
N THR A 16 0.50 -7.45 0.68
CA THR A 16 1.60 -7.43 -0.26
C THR A 16 1.55 -8.66 -1.15
N PRO A 17 2.15 -8.61 -2.34
CA PRO A 17 2.35 -9.83 -3.11
C PRO A 17 3.34 -10.70 -2.35
N LEU A 18 3.29 -12.00 -2.60
CA LEU A 18 4.33 -12.88 -2.08
C LEU A 18 5.66 -12.57 -2.74
N ASP A 19 6.73 -12.50 -1.97
CA ASP A 19 8.02 -12.45 -2.59
C ASP A 19 8.25 -13.81 -3.26
N PRO A 20 8.73 -13.87 -4.51
CA PRO A 20 9.00 -15.20 -5.12
C PRO A 20 9.94 -16.08 -4.28
N ARG A 21 10.91 -15.48 -3.57
CA ARG A 21 11.78 -16.25 -2.69
C ARG A 21 11.00 -16.90 -1.57
N VAL A 22 9.91 -16.25 -1.11
CA VAL A 22 9.07 -16.82 -0.08
C VAL A 22 8.22 -17.96 -0.64
N LEU A 23 7.58 -17.75 -1.82
CA LEU A 23 6.80 -18.87 -2.40
C LEU A 23 7.72 -20.06 -2.69
N ASP A 24 8.94 -19.78 -3.15
CA ASP A 24 9.86 -20.88 -3.44
C ASP A 24 10.18 -21.67 -2.16
N ALA A 25 10.38 -21.00 -1.02
CA ALA A 25 10.68 -21.72 0.24
C ALA A 25 9.48 -22.54 0.71
N MET A 26 8.25 -22.08 0.44
CA MET A 26 7.02 -22.76 0.89
C MET A 26 6.68 -23.99 0.07
N LEU A 27 6.94 -23.96 -1.24
CA LEU A 27 6.36 -24.98 -2.14
C LEU A 27 6.78 -26.42 -1.81
N PRO A 28 8.01 -26.73 -1.39
CA PRO A 28 8.29 -28.10 -0.92
C PRO A 28 7.32 -28.60 0.15
N TYR A 29 6.91 -27.72 1.04
CA TYR A 29 5.98 -28.13 2.10
C TYR A 29 4.54 -28.21 1.62
N LEU A 30 4.23 -27.71 0.41
CA LEU A 30 2.91 -27.86 -0.15
C LEU A 30 2.81 -29.10 -1.02
N ILE A 31 3.93 -29.75 -1.29
CA ILE A 31 4.02 -30.82 -2.28
C ILE A 31 4.49 -32.09 -1.54
N ASN A 32 5.78 -32.19 -1.17
CA ASN A 32 6.14 -33.48 -0.58
CA ASN A 32 6.36 -33.41 -0.60
C ASN A 32 6.35 -33.46 0.93
N TYR A 33 6.57 -32.31 1.57
CA TYR A 33 6.86 -32.32 3.01
C TYR A 33 5.62 -31.89 3.76
N TYR A 34 4.60 -32.72 3.70
CA TYR A 34 3.29 -32.30 4.14
C TYR A 34 2.97 -32.78 5.57
N GLY A 35 3.96 -33.31 6.28
CA GLY A 35 3.70 -33.85 7.60
C GLY A 35 3.24 -32.79 8.59
N ASN A 36 2.59 -33.30 9.63
CA ASN A 36 2.17 -32.51 10.77
C ASN A 36 3.40 -32.28 11.66
N PRO A 37 3.81 -31.04 11.94
CA PRO A 37 5.06 -30.85 12.70
C PRO A 37 4.96 -31.38 14.12
N HIS A 38 3.76 -31.76 14.58
CA HIS A 38 3.60 -32.35 15.91
C HIS A 38 3.57 -33.86 15.85
N SER A 39 3.68 -34.45 14.67
CA SER A 39 3.76 -35.92 14.60
C SER A 39 5.16 -36.35 15.05
N ARG A 40 5.28 -36.93 16.23
CA ARG A 40 6.61 -37.14 16.80
C ARG A 40 7.25 -38.46 16.36
N THR A 41 6.52 -39.38 15.76
CA THR A 41 7.08 -40.72 15.62
C THR A 41 7.56 -41.02 14.19
N HIS A 42 7.60 -40.05 13.28
CA HIS A 42 8.08 -40.38 11.93
C HIS A 42 8.69 -39.18 11.20
N ALA A 43 9.36 -39.48 10.07
CA ALA A 43 10.19 -38.51 9.36
C ALA A 43 9.37 -37.38 8.71
N TYR A 44 8.10 -37.62 8.30
CA TYR A 44 7.29 -36.49 7.81
C TYR A 44 7.10 -35.50 8.96
N GLY A 45 6.82 -36.00 10.17
CA GLY A 45 6.78 -35.11 11.32
C GLY A 45 8.11 -34.44 11.60
N TRP A 46 9.21 -35.22 11.58
CA TRP A 46 10.51 -34.63 11.99
C TRP A 46 10.93 -33.53 11.04
N GLU A 47 10.82 -33.77 9.74
CA GLU A 47 11.26 -32.73 8.78
C GLU A 47 10.33 -31.52 8.82
N SER A 48 9.05 -31.72 9.09
CA SER A 48 8.11 -30.60 9.23
CA SER A 48 8.19 -30.54 9.18
C SER A 48 8.42 -29.80 10.50
N GLU A 49 8.65 -30.51 11.60
CA GLU A 49 9.08 -29.82 12.83
C GLU A 49 10.38 -29.01 12.65
N ALA A 50 11.38 -29.60 12.00
CA ALA A 50 12.65 -28.92 11.78
C ALA A 50 12.45 -27.61 10.95
N ALA A 51 11.61 -27.65 9.92
CA ALA A 51 11.31 -26.45 9.14
C ALA A 51 10.62 -25.40 10.00
N MET A 52 9.65 -25.82 10.80
CA MET A 52 9.03 -24.92 11.78
C MET A 52 10.04 -24.22 12.68
N GLU A 53 10.97 -24.98 13.24
CA GLU A 53 11.94 -24.40 14.17
C GLU A 53 12.92 -23.50 13.45
N ARG A 54 13.31 -23.83 12.20
CA ARG A 54 14.15 -22.89 11.44
CA ARG A 54 14.13 -22.90 11.41
C ARG A 54 13.39 -21.57 11.20
N ALA A 55 12.12 -21.65 10.82
CA ALA A 55 11.33 -20.44 10.60
C ALA A 55 11.25 -19.59 11.89
N ARG A 56 11.12 -20.27 13.04
CA ARG A 56 11.07 -19.58 14.33
C ARG A 56 12.33 -18.77 14.56
N GLN A 57 13.49 -19.37 14.27
CA GLN A 57 14.74 -18.66 14.42
C GLN A 57 14.84 -17.52 13.42
N GLN A 58 14.30 -17.68 12.20
CA GLN A 58 14.37 -16.56 11.25
C GLN A 58 13.57 -15.34 11.76
N VAL A 59 12.38 -15.58 12.30
CA VAL A 59 11.58 -14.49 12.88
C VAL A 59 12.34 -13.86 14.03
N ALA A 60 12.85 -14.69 14.93
CA ALA A 60 13.55 -14.17 16.10
C ALA A 60 14.73 -13.32 15.68
N SER A 61 15.51 -13.78 14.69
CA SER A 61 16.69 -13.02 14.30
C SER A 61 16.33 -11.62 13.79
N LEU A 62 15.25 -11.50 13.03
CA LEU A 62 14.85 -10.17 12.53
C LEU A 62 14.60 -9.19 13.67
N ILE A 63 14.02 -9.62 14.79
CA ILE A 63 13.63 -8.65 15.84
C ILE A 63 14.56 -8.70 17.07
N GLY A 64 15.63 -9.49 17.05
CA GLY A 64 16.55 -9.51 18.17
C GLY A 64 16.10 -10.39 19.32
N ALA A 65 15.21 -11.34 19.08
CA ALA A 65 14.62 -12.18 20.11
C ALA A 65 15.36 -13.51 20.17
N ASP A 66 15.11 -14.24 21.20
CA ASP A 66 15.35 -15.69 21.36
C ASP A 66 14.23 -16.47 20.68
N PRO A 67 14.50 -17.52 19.90
CA PRO A 67 13.39 -18.22 19.21
C PRO A 67 12.36 -18.77 20.18
N ARG A 68 12.72 -19.06 21.44
CA ARG A 68 11.74 -19.52 22.40
C ARG A 68 10.65 -18.46 22.70
N GLU A 69 10.90 -17.19 22.37
CA GLU A 69 9.95 -16.10 22.59
C GLU A 69 8.98 -15.90 21.42
N ILE A 70 9.12 -16.67 20.36
CA ILE A 70 8.30 -16.52 19.16
C ILE A 70 7.20 -17.58 19.18
N ILE A 71 5.95 -17.12 19.18
CA ILE A 71 4.77 -18.00 19.16
C ILE A 71 4.09 -17.78 17.80
N PHE A 72 3.86 -18.85 17.04
CA PHE A 72 3.17 -18.61 15.75
C PHE A 72 1.64 -18.46 15.91
N THR A 73 1.01 -17.63 15.07
CA THR A 73 -0.43 -17.37 15.12
C THR A 73 -0.99 -17.32 13.70
N SER A 74 -2.27 -17.03 13.59
CA SER A 74 -2.88 -16.94 12.27
C SER A 74 -2.79 -15.54 11.67
N GLY A 75 -2.17 -14.57 12.36
CA GLY A 75 -2.14 -13.22 11.79
C GLY A 75 -1.94 -12.22 12.92
N ALA A 76 -1.71 -10.96 12.54
CA ALA A 76 -1.57 -9.92 13.56
C ALA A 76 -2.86 -9.72 14.36
N THR A 77 -4.04 -9.92 13.77
CA THR A 77 -5.28 -9.78 14.56
C THR A 77 -5.25 -10.73 15.75
N GLU A 78 -4.94 -12.01 15.47
CA GLU A 78 -4.90 -12.99 16.55
C GLU A 78 -3.79 -12.62 17.57
N SER A 79 -2.63 -12.20 17.09
CA SER A 79 -1.55 -11.81 18.00
C SER A 79 -1.94 -10.64 18.90
N ASN A 80 -2.58 -9.61 18.32
CA ASN A 80 -3.10 -8.50 19.13
C ASN A 80 -4.12 -8.97 20.18
N ASN A 81 -5.01 -9.90 19.80
CA ASN A 81 -5.97 -10.42 20.80
C ASN A 81 -5.24 -11.13 21.93
N ILE A 82 -4.27 -11.98 21.57
CA ILE A 82 -3.52 -12.72 22.58
C ILE A 82 -2.81 -11.73 23.50
N ALA A 83 -2.10 -10.74 22.93
CA ALA A 83 -1.36 -9.82 23.79
C ALA A 83 -2.27 -9.02 24.71
N ILE A 84 -3.36 -8.47 24.17
CA ILE A 84 -4.17 -7.56 24.98
C ILE A 84 -5.10 -8.33 25.91
N LYS A 85 -5.82 -9.31 25.40
CA LYS A 85 -6.72 -10.03 26.29
C LYS A 85 -5.96 -10.98 27.19
N GLY A 86 -4.87 -11.56 26.68
CA GLY A 86 -4.14 -12.55 27.46
C GLY A 86 -3.42 -11.92 28.64
N VAL A 87 -2.77 -10.76 28.44
CA VAL A 87 -2.16 -10.04 29.57
C VAL A 87 -3.26 -9.56 30.54
N ALA A 88 -4.32 -8.90 30.03
CA ALA A 88 -5.34 -8.38 30.95
C ALA A 88 -5.96 -9.51 31.79
N ARG A 89 -6.24 -10.66 31.18
CA ARG A 89 -6.92 -11.70 31.96
C ARG A 89 -5.96 -12.37 32.91
N PHE A 90 -4.68 -12.50 32.54
CA PHE A 90 -3.73 -13.09 33.45
C PHE A 90 -3.63 -12.26 34.74
N TYR A 91 -3.60 -10.94 34.64
CA TYR A 91 -3.39 -10.13 35.86
C TYR A 91 -4.69 -9.51 36.35
N ARG A 92 -5.83 -10.05 35.95
CA ARG A 92 -7.08 -9.36 36.27
C ARG A 92 -7.33 -9.29 37.78
N SER A 93 -6.80 -10.23 38.56
CA SER A 93 -7.11 -10.20 39.99
C SER A 93 -6.34 -9.09 40.70
N ARG A 94 -5.24 -8.62 40.13
CA ARG A 94 -4.50 -7.48 40.69
C ARG A 94 -4.58 -6.21 39.85
N LYS A 95 -4.77 -6.29 38.53
CA LYS A 95 -4.62 -5.12 37.66
C LYS A 95 -5.78 -5.02 36.68
N LYS A 96 -6.42 -3.84 36.61
CA LYS A 96 -7.63 -3.71 35.82
C LYS A 96 -7.54 -2.64 34.74
N HIS A 97 -6.41 -1.98 34.58
CA HIS A 97 -6.37 -0.81 33.69
C HIS A 97 -5.38 -1.05 32.55
N LEU A 98 -5.76 -0.68 31.32
CA LEU A 98 -4.89 -0.77 30.17
C LEU A 98 -4.85 0.58 29.50
N ILE A 99 -3.76 0.83 28.75
CA ILE A 99 -3.59 2.06 27.98
C ILE A 99 -3.27 1.73 26.53
N THR A 100 -3.94 2.40 25.60
CA THR A 100 -3.64 2.31 24.21
C THR A 100 -3.87 3.70 23.63
N THR A 101 -3.96 3.79 22.31
CA THR A 101 -4.14 5.10 21.69
C THR A 101 -5.36 5.07 20.78
N GLN A 102 -5.79 6.27 20.41
CA GLN A 102 -6.96 6.41 19.58
C GLN A 102 -6.68 6.08 18.11
N THR A 103 -5.41 5.91 17.69
CA THR A 103 -5.20 5.58 16.28
C THR A 103 -4.82 4.13 16.05
N GLU A 104 -4.91 3.27 17.06
CA GLU A 104 -4.58 1.87 16.88
C GLU A 104 -5.50 1.22 15.85
N HIS A 105 -5.03 0.08 15.33
CA HIS A 105 -5.83 -0.70 14.40
C HIS A 105 -7.07 -1.24 15.13
N LYS A 106 -8.14 -1.50 14.36
CA LYS A 106 -9.39 -1.95 14.99
C LYS A 106 -9.28 -3.20 15.84
N CYS A 107 -8.35 -4.12 15.55
CA CYS A 107 -8.28 -5.29 16.41
C CYS A 107 -7.77 -4.96 17.80
N VAL A 108 -6.85 -4.01 17.92
CA VAL A 108 -6.48 -3.52 19.26
C VAL A 108 -7.67 -2.81 19.93
N LEU A 109 -8.31 -1.86 19.22
CA LEU A 109 -9.40 -1.07 19.79
C LEU A 109 -10.58 -1.93 20.19
N ASP A 110 -10.98 -2.88 19.31
N ASP A 110 -10.98 -2.88 19.33
CA ASP A 110 -12.10 -3.78 19.60
CA ASP A 110 -12.12 -3.71 19.71
C ASP A 110 -11.74 -4.76 20.72
C ASP A 110 -11.74 -4.77 20.75
N SER A 111 -10.49 -5.22 20.79
CA SER A 111 -10.07 -6.04 21.93
C SER A 111 -10.21 -5.24 23.21
N CYS A 112 -9.76 -3.99 23.20
CA CYS A 112 -9.89 -3.16 24.39
C CYS A 112 -11.36 -2.90 24.72
N ARG A 113 -12.19 -2.68 23.70
CA ARG A 113 -13.61 -2.50 23.95
C ARG A 113 -14.23 -3.74 24.57
N SER A 114 -13.85 -4.92 24.10
CA SER A 114 -14.41 -6.11 24.72
C SER A 114 -13.94 -6.25 26.17
N LEU A 115 -12.73 -5.78 26.49
CA LEU A 115 -12.30 -5.88 27.89
C LEU A 115 -13.05 -4.90 28.77
N GLU A 116 -13.45 -3.77 28.19
CA GLU A 116 -14.27 -2.81 28.94
C GLU A 116 -15.64 -3.40 29.29
N ALA A 117 -16.25 -4.12 28.35
CA ALA A 117 -17.47 -4.87 28.67
C ALA A 117 -17.22 -5.94 29.72
N GLU A 118 -15.96 -6.33 29.95
CA GLU A 118 -15.56 -7.31 30.96
C GLU A 118 -15.27 -6.65 32.32
N GLY A 119 -15.38 -5.33 32.41
CA GLY A 119 -15.07 -4.64 33.65
C GLY A 119 -13.66 -4.09 33.77
N PHE A 120 -12.88 -4.08 32.68
CA PHE A 120 -11.57 -3.42 32.70
C PHE A 120 -11.73 -1.93 32.39
N GLN A 121 -10.80 -1.12 32.90
CA GLN A 121 -10.70 0.29 32.56
C GLN A 121 -9.64 0.46 31.48
N VAL A 122 -9.97 1.21 30.42
CA VAL A 122 -9.04 1.44 29.32
C VAL A 122 -8.92 2.95 29.13
N THR A 123 -7.68 3.45 29.06
CA THR A 123 -7.44 4.80 28.59
C THR A 123 -7.08 4.73 27.12
N TYR A 124 -7.84 5.44 26.26
CA TYR A 124 -7.52 5.58 24.85
C TYR A 124 -6.82 6.93 24.69
N LEU A 125 -5.49 6.95 24.62
CA LEU A 125 -4.77 8.21 24.60
C LEU A 125 -5.03 8.95 23.29
N PRO A 126 -5.16 10.27 23.34
CA PRO A 126 -5.14 11.08 22.11
C PRO A 126 -3.75 11.10 21.49
N VAL A 127 -3.67 11.56 20.26
CA VAL A 127 -2.37 11.78 19.63
C VAL A 127 -2.29 13.26 19.29
N GLN A 128 -1.09 13.77 19.09
CA GLN A 128 -0.95 15.14 18.59
C GLN A 128 -1.39 15.19 17.11
N LYS A 129 -1.53 16.39 16.56
CA LYS A 129 -1.89 16.52 15.15
C LYS A 129 -0.89 15.87 14.19
N SER A 130 0.35 15.70 14.63
CA SER A 130 1.34 14.91 13.92
C SER A 130 0.94 13.43 13.83
N GLY A 131 -0.01 12.96 14.65
CA GLY A 131 -0.24 11.54 14.76
C GLY A 131 0.58 10.85 15.87
N ILE A 132 1.54 11.55 16.49
CA ILE A 132 2.44 10.97 17.49
C ILE A 132 1.83 11.16 18.88
N ILE A 133 1.88 10.13 19.73
CA ILE A 133 1.44 10.33 21.10
C ILE A 133 2.34 11.36 21.78
N ASP A 134 1.86 11.86 22.89
CA ASP A 134 2.63 12.71 23.81
C ASP A 134 3.18 11.83 24.93
N LEU A 135 4.51 11.64 24.93
CA LEU A 135 5.13 10.73 25.92
C LEU A 135 4.74 11.13 27.34
N LYS A 136 4.69 12.45 27.61
CA LYS A 136 4.43 12.85 29.00
C LYS A 136 2.97 12.59 29.38
N GLU A 137 2.06 12.63 28.42
CA GLU A 137 0.69 12.21 28.71
C GLU A 137 0.59 10.70 28.95
N LEU A 138 1.36 9.90 28.20
CA LEU A 138 1.44 8.47 28.51
C LEU A 138 1.90 8.23 29.93
N GLU A 139 2.99 8.91 30.32
CA GLU A 139 3.55 8.73 31.65
C GLU A 139 2.51 9.03 32.70
N ALA A 140 1.79 10.14 32.53
CA ALA A 140 0.81 10.57 33.52
C ALA A 140 -0.37 9.62 33.59
N ALA A 141 -0.65 8.90 32.51
CA ALA A 141 -1.80 8.02 32.49
C ALA A 141 -1.56 6.69 33.20
N ILE A 142 -0.31 6.30 33.47
CA ILE A 142 -0.05 4.99 34.06
C ILE A 142 -0.52 5.02 35.51
N GLN A 143 -1.40 4.07 35.87
CA GLN A 143 -1.97 3.93 37.20
C GLN A 143 -1.31 2.78 37.96
N PRO A 144 -1.56 2.67 39.27
CA PRO A 144 -0.98 1.54 39.99
C PRO A 144 -1.55 0.20 39.57
N ASP A 145 -2.79 0.13 39.08
CA ASP A 145 -3.26 -1.13 38.54
C ASP A 145 -3.19 -1.20 37.00
N THR A 146 -2.27 -0.45 36.35
CA THR A 146 -2.12 -0.54 34.89
C THR A 146 -1.36 -1.80 34.54
N SER A 147 -1.99 -2.71 33.78
CA SER A 147 -1.26 -3.93 33.43
CA SER A 147 -1.34 -3.96 33.41
C SER A 147 -0.58 -3.88 32.08
N LEU A 148 -1.04 -3.05 31.15
CA LEU A 148 -0.46 -3.12 29.83
C LEU A 148 -0.54 -1.77 29.12
N VAL A 149 0.51 -1.43 28.38
CA VAL A 149 0.45 -0.34 27.41
C VAL A 149 0.62 -0.96 26.04
N SER A 150 -0.23 -0.56 25.07
CA SER A 150 -0.13 -1.06 23.70
C SER A 150 -0.13 0.12 22.72
N VAL A 151 0.93 0.26 21.95
CA VAL A 151 1.08 1.38 21.00
C VAL A 151 1.75 0.85 19.75
N MET A 152 1.21 1.17 18.58
CA MET A 152 1.60 0.38 17.43
C MET A 152 2.89 1.06 16.93
N THR A 153 3.70 0.34 16.18
CA THR A 153 4.99 0.90 15.77
C THR A 153 4.87 1.86 14.59
N VAL A 154 4.15 1.47 13.57
CA VAL A 154 3.92 2.31 12.39
C VAL A 154 2.41 2.28 12.14
N ASN A 155 1.79 3.45 11.95
CA ASN A 155 0.35 3.49 11.70
C ASN A 155 0.02 3.04 10.25
N ASN A 156 -0.96 2.17 10.10
CA ASN A 156 -1.32 1.60 8.78
C ASN A 156 -2.03 2.60 7.86
N GLU A 157 -2.66 3.66 8.38
CA GLU A 157 -3.37 4.59 7.48
C GLU A 157 -2.54 5.78 7.10
N ILE A 158 -1.70 6.30 8.01
CA ILE A 158 -0.92 7.51 7.73
C ILE A 158 0.57 7.29 7.83
N GLY A 159 1.02 6.10 8.25
CA GLY A 159 2.48 5.78 8.19
C GLY A 159 3.35 6.38 9.32
N VAL A 160 2.76 7.07 10.28
CA VAL A 160 3.56 7.73 11.33
CA VAL A 160 3.51 7.73 11.36
C VAL A 160 4.12 6.70 12.29
N LYS A 161 5.34 7.00 12.77
CA LYS A 161 6.15 6.13 13.63
C LYS A 161 6.00 6.62 15.07
N GLN A 162 5.54 5.72 15.96
CA GLN A 162 5.48 6.09 17.37
C GLN A 162 6.85 5.91 17.98
N PRO A 163 7.17 6.67 19.12
CA PRO A 163 8.53 6.57 19.73
C PRO A 163 8.62 5.32 20.61
N ILE A 164 8.73 4.17 19.95
CA ILE A 164 8.60 2.88 20.63
C ILE A 164 9.67 2.70 21.70
N ALA A 165 10.93 3.03 21.37
CA ALA A 165 11.99 2.89 22.38
C ALA A 165 11.72 3.77 23.58
N GLU A 166 11.20 4.98 23.37
CA GLU A 166 10.96 5.87 24.52
C GLU A 166 9.79 5.35 25.36
N ILE A 167 8.78 4.77 24.71
CA ILE A 167 7.65 4.18 25.43
C ILE A 167 8.13 2.99 26.24
N GLY A 168 8.97 2.14 25.66
CA GLY A 168 9.51 1.01 26.40
C GLY A 168 10.27 1.47 27.64
N ARG A 169 11.02 2.60 27.54
CA ARG A 169 11.71 3.15 28.73
CA ARG A 169 11.70 3.12 28.73
C ARG A 169 10.70 3.52 29.81
N ILE A 170 9.61 4.15 29.43
CA ILE A 170 8.60 4.53 30.42
C ILE A 170 8.00 3.28 31.08
N CYS A 171 7.59 2.30 30.27
CA CYS A 171 6.90 1.10 30.79
C CYS A 171 7.83 0.23 31.60
N SER A 172 9.03 0.00 31.08
CA SER A 172 10.03 -0.78 31.82
CA SER A 172 9.98 -0.81 31.84
C SER A 172 10.25 -0.21 33.21
N SER A 173 10.43 1.12 33.28
CA SER A 173 10.79 1.72 34.57
C SER A 173 9.64 1.68 35.55
N ARG A 174 8.40 1.54 35.09
CA ARG A 174 7.25 1.36 35.98
C ARG A 174 6.79 -0.11 36.07
N LYS A 175 7.52 -1.05 35.51
CA LYS A 175 7.07 -2.46 35.45
C LYS A 175 5.62 -2.58 34.94
N VAL A 176 5.35 -1.94 33.84
CA VAL A 176 4.12 -2.15 33.09
C VAL A 176 4.52 -2.84 31.79
N TYR A 177 3.78 -3.89 31.39
CA TYR A 177 4.11 -4.57 30.14
C TYR A 177 3.84 -3.67 28.95
N PHE A 178 4.72 -3.71 27.96
CA PHE A 178 4.62 -2.89 26.77
C PHE A 178 4.41 -3.81 25.55
N HIS A 179 3.26 -3.71 24.95
CA HIS A 179 2.98 -4.39 23.69
C HIS A 179 3.02 -3.39 22.51
N THR A 180 3.59 -3.80 21.37
CA THR A 180 3.45 -2.99 20.17
C THR A 180 2.96 -3.85 19.02
N ASP A 181 1.92 -3.36 18.36
CA ASP A 181 1.49 -3.93 17.08
C ASP A 181 2.44 -3.43 16.02
N ALA A 182 3.32 -4.31 15.55
CA ALA A 182 4.41 -3.97 14.64
C ALA A 182 4.10 -4.46 13.23
N ALA A 183 2.83 -4.77 12.97
CA ALA A 183 2.48 -5.39 11.69
C ALA A 183 2.97 -4.56 10.52
N GLN A 184 2.93 -3.20 10.63
CA GLN A 184 3.29 -2.37 9.48
C GLN A 184 4.76 -1.97 9.53
N ALA A 185 5.50 -2.44 10.52
CA ALA A 185 6.87 -2.01 10.66
C ALA A 185 7.90 -3.13 10.48
N VAL A 186 7.53 -4.35 10.81
CA VAL A 186 8.55 -5.39 10.85
CA VAL A 186 8.45 -5.50 10.81
C VAL A 186 9.09 -5.63 9.44
N GLY A 187 10.41 -5.74 9.37
CA GLY A 187 10.99 -5.86 8.06
C GLY A 187 11.09 -4.55 7.25
N LYS A 188 10.64 -3.40 7.78
CA LYS A 188 10.65 -2.13 7.02
C LYS A 188 11.47 -1.08 7.73
N ILE A 189 11.43 -1.08 9.05
CA ILE A 189 12.34 -0.29 9.87
C ILE A 189 12.96 -1.20 10.91
N PRO A 190 14.13 -0.83 11.43
CA PRO A 190 14.82 -1.63 12.45
C PRO A 190 13.98 -1.82 13.70
N LEU A 191 13.92 -3.06 14.18
CA LEU A 191 13.24 -3.39 15.42
C LEU A 191 14.17 -4.26 16.24
N ASP A 192 14.40 -3.90 17.51
CA ASP A 192 15.19 -4.75 18.39
C ASP A 192 14.47 -4.80 19.75
N VAL A 193 14.01 -5.98 20.16
CA VAL A 193 13.11 -6.02 21.32
C VAL A 193 13.83 -5.57 22.57
N ASN A 194 15.13 -5.84 22.65
CA ASN A 194 15.88 -5.40 23.84
C ASN A 194 16.22 -3.93 23.80
N ASP A 195 16.69 -3.38 22.67
CA ASP A 195 16.96 -1.94 22.67
C ASP A 195 15.68 -1.12 22.86
N MET A 196 14.58 -1.58 22.31
CA MET A 196 13.31 -0.89 22.47
C MET A 196 12.55 -1.23 23.74
N LYS A 197 13.04 -2.20 24.51
CA LYS A 197 12.38 -2.65 25.75
C LYS A 197 10.93 -3.08 25.50
N ILE A 198 10.73 -3.86 24.44
CA ILE A 198 9.39 -4.37 24.10
C ILE A 198 9.13 -5.65 24.89
N ASP A 199 7.91 -5.82 25.44
CA ASP A 199 7.53 -7.09 26.12
C ASP A 199 6.70 -8.03 25.26
N LEU A 200 5.87 -7.46 24.40
CA LEU A 200 5.06 -8.26 23.45
C LEU A 200 5.02 -7.52 22.11
N MET A 201 5.03 -8.27 21.02
CA MET A 201 4.96 -7.63 19.68
C MET A 201 4.17 -8.50 18.71
N SER A 202 3.29 -7.89 17.95
CA SER A 202 2.49 -8.57 16.92
C SER A 202 3.13 -8.47 15.56
N ILE A 203 3.11 -9.56 14.81
CA ILE A 203 3.73 -9.65 13.50
C ILE A 203 2.74 -10.28 12.51
N SER A 204 2.67 -9.75 11.29
CA SER A 204 1.77 -10.28 10.23
C SER A 204 2.61 -10.73 9.03
N GLY A 205 2.39 -11.96 8.53
CA GLY A 205 3.18 -12.39 7.34
C GLY A 205 2.86 -11.61 6.07
N HIS A 206 1.60 -11.27 5.87
CA HIS A 206 1.24 -10.74 4.55
C HIS A 206 1.42 -9.23 4.44
N LYS A 207 1.92 -8.57 5.50
CA LYS A 207 2.42 -7.20 5.38
C LYS A 207 3.87 -7.16 4.97
N ILE A 208 4.54 -8.30 4.94
CA ILE A 208 5.98 -8.31 4.61
C ILE A 208 6.31 -9.34 3.54
N TYR A 209 5.45 -9.47 2.53
CA TYR A 209 5.66 -10.27 1.33
C TYR A 209 5.66 -11.74 1.67
N GLY A 210 5.08 -12.08 2.84
CA GLY A 210 4.83 -13.46 3.16
C GLY A 210 3.40 -13.83 2.98
N PRO A 211 3.04 -15.08 3.28
CA PRO A 211 1.67 -15.53 3.01
C PRO A 211 0.65 -14.98 3.98
N LYS A 212 -0.57 -14.84 3.48
CA LYS A 212 -1.75 -14.56 4.32
C LYS A 212 -2.06 -15.75 5.20
N GLY A 213 -2.66 -15.47 6.34
CA GLY A 213 -3.13 -16.52 7.23
C GLY A 213 -2.09 -16.90 8.27
N VAL A 214 -1.03 -16.12 8.44
CA VAL A 214 -0.02 -16.46 9.42
C VAL A 214 0.56 -15.18 10.04
N GLY A 215 1.03 -15.33 11.26
CA GLY A 215 1.61 -14.24 12.00
C GLY A 215 2.44 -14.79 13.14
N ALA A 216 2.91 -13.89 13.98
CA ALA A 216 3.50 -14.36 15.21
C ALA A 216 3.31 -13.33 16.29
N ILE A 217 3.50 -13.77 17.52
CA ILE A 217 3.58 -12.89 18.66
C ILE A 217 4.89 -13.18 19.38
N TYR A 218 5.67 -12.14 19.59
CA TYR A 218 6.83 -12.16 20.47
C TYR A 218 6.33 -12.00 21.89
N ILE A 219 6.76 -12.89 22.78
CA ILE A 219 6.43 -12.79 24.21
C ILE A 219 7.73 -12.91 24.98
N ARG A 220 8.17 -11.81 25.60
CA ARG A 220 9.45 -11.77 26.30
C ARG A 220 9.56 -12.83 27.39
N ARG A 221 10.68 -13.54 27.42
CA ARG A 221 10.81 -14.55 28.47
C ARG A 221 11.69 -14.08 29.63
N ARG A 222 12.55 -13.08 29.47
CA ARG A 222 13.26 -12.49 30.62
C ARG A 222 13.28 -10.97 30.60
N PRO A 223 12.68 -10.30 31.57
CA PRO A 223 11.78 -10.83 32.64
C PRO A 223 10.55 -11.53 32.06
N ARG A 224 10.13 -12.63 32.65
CA ARG A 224 9.03 -13.45 32.11
C ARG A 224 7.70 -12.67 32.03
N VAL A 225 7.19 -12.48 30.83
CA VAL A 225 5.85 -11.92 30.64
C VAL A 225 4.83 -13.05 30.66
N ARG A 226 3.77 -12.91 31.43
CA ARG A 226 2.75 -13.96 31.55
C ARG A 226 1.54 -13.59 30.74
N VAL A 227 1.03 -14.54 29.98
CA VAL A 227 -0.16 -14.32 29.14
C VAL A 227 -1.07 -15.52 29.33
N GLU A 228 -2.36 -15.28 29.49
CA GLU A 228 -3.33 -16.37 29.54
C GLU A 228 -3.72 -16.75 28.10
N ALA A 229 -3.55 -18.03 27.72
CA ALA A 229 -3.87 -18.44 26.34
C ALA A 229 -5.36 -18.25 26.06
N LEU A 230 -5.68 -17.85 24.82
CA LEU A 230 -7.04 -17.67 24.35
C LEU A 230 -7.55 -18.91 23.61
N GLN A 231 -6.68 -19.58 22.83
CA GLN A 231 -7.12 -20.72 21.99
C GLN A 231 -6.81 -21.99 22.77
N SER A 232 -7.84 -22.64 23.29
CA SER A 232 -7.69 -23.88 24.05
C SER A 232 -7.44 -25.06 23.12
N GLY A 233 -6.73 -26.07 23.60
CA GLY A 233 -6.47 -27.19 22.70
C GLY A 233 -5.32 -28.06 23.17
N GLY A 234 -4.61 -28.64 22.18
CA GLY A 234 -3.58 -29.62 22.45
C GLY A 234 -2.24 -29.10 22.96
N GLY A 235 -2.13 -27.82 23.32
CA GLY A 235 -0.91 -27.36 23.94
C GLY A 235 0.22 -26.99 23.00
N GLN A 236 -0.04 -26.88 21.68
CA GLN A 236 1.05 -26.49 20.79
C GLN A 236 1.56 -25.11 21.16
N GLU A 237 2.73 -24.73 20.67
CA GLU A 237 3.29 -23.37 20.91
C GLU A 237 3.36 -23.07 22.43
N ARG A 238 3.95 -24.00 23.20
CA ARG A 238 4.16 -23.82 24.67
C ARG A 238 2.84 -23.52 25.40
N GLY A 239 1.74 -24.10 24.93
CA GLY A 239 0.43 -23.84 25.55
C GLY A 239 -0.15 -22.49 25.17
N MET A 240 0.61 -21.64 24.49
CA MET A 240 0.11 -20.30 24.17
C MET A 240 -0.79 -20.23 22.94
N ARG A 241 -0.75 -21.22 22.05
CA ARG A 241 -1.57 -21.12 20.84
C ARG A 241 -1.79 -22.55 20.32
N SER A 242 -2.85 -23.16 20.81
CA SER A 242 -3.12 -24.55 20.44
C SER A 242 -3.60 -24.60 18.99
N GLY A 243 -3.48 -25.79 18.40
CA GLY A 243 -3.79 -25.98 17.01
C GLY A 243 -2.56 -26.44 16.26
N THR A 244 -2.78 -27.17 15.17
CA THR A 244 -1.72 -27.64 14.29
C THR A 244 -0.95 -26.47 13.72
N VAL A 245 0.36 -26.39 13.97
CA VAL A 245 1.14 -25.30 13.40
C VAL A 245 1.19 -25.51 11.88
N PRO A 246 0.76 -24.53 11.08
CA PRO A 246 0.69 -24.75 9.60
C PRO A 246 2.06 -24.59 8.92
N THR A 247 2.79 -25.69 8.80
CA THR A 247 4.20 -25.63 8.37
C THR A 247 4.46 -24.77 7.15
N PRO A 248 3.77 -24.94 6.01
CA PRO A 248 4.11 -24.09 4.87
C PRO A 248 3.99 -22.63 5.19
N LEU A 249 2.96 -22.24 5.98
CA LEU A 249 2.76 -20.81 6.25
C LEU A 249 3.86 -20.29 7.16
N VAL A 250 4.24 -21.06 8.18
CA VAL A 250 5.27 -20.54 9.06
C VAL A 250 6.61 -20.58 8.34
N VAL A 251 6.86 -21.55 7.45
CA VAL A 251 8.05 -21.50 6.62
C VAL A 251 8.06 -20.20 5.80
N GLY A 252 6.91 -19.84 5.23
CA GLY A 252 6.81 -18.62 4.45
C GLY A 252 7.08 -17.37 5.30
N LEU A 253 6.57 -17.38 6.51
CA LEU A 253 6.77 -16.24 7.40
C LEU A 253 8.24 -16.11 7.76
N GLY A 254 8.89 -17.23 8.08
CA GLY A 254 10.32 -17.15 8.41
C GLY A 254 11.14 -16.73 7.19
N ALA A 255 10.82 -17.27 6.01
CA ALA A 255 11.53 -16.84 4.81
C ALA A 255 11.31 -15.33 4.57
N ALA A 256 10.07 -14.85 4.74
CA ALA A 256 9.84 -13.41 4.51
C ALA A 256 10.64 -12.57 5.50
N CYS A 257 10.75 -13.05 6.77
CA CYS A 257 11.54 -12.31 7.76
C CYS A 257 13.02 -12.30 7.39
N GLU A 258 13.56 -13.43 6.97
CA GLU A 258 14.96 -13.43 6.59
C GLU A 258 15.20 -12.57 5.35
N VAL A 259 14.35 -12.68 4.33
CA VAL A 259 14.49 -11.79 3.18
C VAL A 259 14.40 -10.32 3.63
N ALA A 260 13.41 -9.98 4.49
CA ALA A 260 13.28 -8.58 4.92
C ALA A 260 14.51 -8.13 5.70
N GLN A 261 15.08 -9.03 6.52
CA GLN A 261 16.30 -8.66 7.22
C GLN A 261 17.40 -8.29 6.23
N GLN A 262 17.55 -9.07 5.15
CA GLN A 262 18.60 -8.71 4.17
C GLN A 262 18.26 -7.47 3.34
N GLU A 263 17.00 -7.24 3.02
CA GLU A 263 16.60 -6.26 2.04
C GLU A 263 16.19 -4.95 2.67
N MET A 264 16.00 -4.92 4.01
CA MET A 264 15.40 -3.73 4.65
C MET A 264 16.08 -2.40 4.27
N GLU A 265 17.41 -2.35 4.35
CA GLU A 265 18.12 -1.08 4.10
C GLU A 265 18.00 -0.64 2.65
N TYR A 266 18.21 -1.56 1.72
CA TYR A 266 18.02 -1.29 0.29
C TYR A 266 16.58 -0.82 -0.01
N ASP A 267 15.59 -1.51 0.55
CA ASP A 267 14.18 -1.12 0.32
C ASP A 267 13.90 0.28 0.88
N HIS A 268 14.39 0.55 2.08
CA HIS A 268 14.09 1.84 2.69
C HIS A 268 14.67 2.98 1.86
N LYS A 269 15.87 2.81 1.31
CA LYS A 269 16.48 3.85 0.44
C LYS A 269 15.67 4.04 -0.85
N ARG A 270 15.24 2.95 -1.46
N ARG A 270 15.24 2.95 -1.46
CA ARG A 270 14.49 3.02 -2.75
CA ARG A 270 14.49 3.02 -2.75
C ARG A 270 13.10 3.61 -2.51
C ARG A 270 13.10 3.60 -2.51
N ILE A 271 12.40 3.12 -1.48
CA ILE A 271 11.02 3.60 -1.18
C ILE A 271 11.08 5.07 -0.74
N SER A 272 12.09 5.43 0.05
CA SER A 272 12.19 6.85 0.42
C SER A 272 12.28 7.76 -0.79
N LYS A 273 13.15 7.41 -1.73
CA LYS A 273 13.26 8.18 -2.98
CA LYS A 273 13.25 8.20 -2.96
C LYS A 273 11.93 8.22 -3.75
N LEU A 274 11.27 7.07 -3.91
CA LEU A 274 10.01 7.07 -4.67
C LEU A 274 8.92 7.85 -3.94
N SER A 275 8.94 7.77 -2.63
CA SER A 275 7.95 8.45 -1.80
C SER A 275 8.10 9.96 -1.88
N GLU A 276 9.34 10.45 -1.75
CA GLU A 276 9.60 11.88 -1.96
C GLU A 276 9.16 12.32 -3.34
N ARG A 277 9.46 11.53 -4.36
CA ARG A 277 9.10 11.90 -5.71
C ARG A 277 7.58 12.00 -5.85
N LEU A 278 6.84 11.04 -5.30
CA LEU A 278 5.39 11.05 -5.44
C LEU A 278 4.79 12.26 -4.75
N ILE A 279 5.28 12.56 -3.54
CA ILE A 279 4.68 13.62 -2.75
C ILE A 279 5.01 14.97 -3.37
N GLN A 280 6.28 15.17 -3.70
CA GLN A 280 6.70 16.47 -4.20
C GLN A 280 6.14 16.73 -5.59
N ASN A 281 6.02 15.71 -6.43
CA ASN A 281 5.48 16.01 -7.74
C ASN A 281 3.97 16.21 -7.70
N ILE A 282 3.24 15.55 -6.80
CA ILE A 282 1.81 15.88 -6.68
C ILE A 282 1.63 17.30 -6.14
N MET A 283 2.38 17.65 -5.10
CA MET A 283 2.20 18.92 -4.40
C MET A 283 2.63 20.10 -5.25
N LYS A 284 3.65 19.93 -6.09
CA LYS A 284 4.00 21.08 -6.92
C LYS A 284 3.06 21.25 -8.10
N SER A 285 2.19 20.30 -8.41
CA SER A 285 1.29 20.46 -9.53
C SER A 285 -0.16 20.73 -9.14
N LEU A 286 -0.52 20.58 -7.85
CA LEU A 286 -1.91 20.73 -7.43
C LEU A 286 -1.91 21.61 -6.19
N PRO A 287 -2.75 22.65 -6.13
CA PRO A 287 -2.96 23.37 -4.88
C PRO A 287 -3.84 22.58 -3.91
N ASP A 288 -3.78 22.96 -2.64
CA ASP A 288 -4.63 22.44 -1.55
C ASP A 288 -4.50 20.92 -1.35
N VAL A 289 -3.26 20.44 -1.38
CA VAL A 289 -2.94 19.04 -1.10
C VAL A 289 -2.20 19.02 0.23
N VAL A 290 -2.70 18.25 1.20
CA VAL A 290 -2.11 18.23 2.53
C VAL A 290 -1.72 16.82 2.89
N MET A 291 -0.53 16.64 3.46
CA MET A 291 -0.17 15.30 3.90
C MET A 291 -0.66 15.11 5.34
N ASN A 292 -1.31 13.99 5.59
CA ASN A 292 -1.79 13.64 6.91
C ASN A 292 -0.67 12.88 7.64
N GLY A 293 -0.22 13.44 8.77
CA GLY A 293 0.84 12.84 9.57
C GLY A 293 2.16 13.57 9.38
N ASP A 294 2.96 13.56 10.44
CA ASP A 294 4.22 14.29 10.46
C ASP A 294 5.29 13.63 9.58
N PRO A 295 5.79 14.30 8.53
CA PRO A 295 6.84 13.67 7.71
C PRO A 295 8.17 13.44 8.43
N LYS A 296 8.42 14.05 9.60
CA LYS A 296 9.67 13.83 10.33
C LYS A 296 9.72 12.49 11.07
N HIS A 297 8.57 11.81 11.21
CA HIS A 297 8.41 10.61 12.03
C HIS A 297 7.46 9.72 11.25
N HIS A 298 7.95 9.22 10.13
CA HIS A 298 7.05 8.72 9.11
C HIS A 298 7.75 7.66 8.27
N TYR A 299 7.06 6.55 8.06
CA TYR A 299 7.54 5.47 7.21
C TYR A 299 7.15 5.79 5.76
N PRO A 300 8.12 5.96 4.87
CA PRO A 300 7.81 6.60 3.57
C PRO A 300 6.94 5.75 2.68
N GLY A 301 6.80 4.46 2.96
CA GLY A 301 5.99 3.68 2.04
C GLY A 301 4.49 3.83 2.23
N CYS A 302 4.03 4.61 3.21
CA CYS A 302 2.60 4.82 3.47
C CYS A 302 2.34 6.30 3.40
N ILE A 303 1.65 6.78 2.35
CA ILE A 303 1.49 8.21 2.13
C ILE A 303 0.00 8.53 2.11
N ASN A 304 -0.44 9.37 3.04
CA ASN A 304 -1.87 9.69 3.12
C ASN A 304 -2.01 11.18 2.81
N LEU A 305 -2.67 11.51 1.69
CA LEU A 305 -2.86 12.91 1.29
C LEU A 305 -4.35 13.24 1.20
N SER A 306 -4.71 14.49 1.57
CA SER A 306 -6.05 14.99 1.30
C SER A 306 -6.02 15.94 0.09
N PHE A 307 -7.04 15.83 -0.75
CA PHE A 307 -7.17 16.70 -1.91
C PHE A 307 -8.43 17.55 -1.71
N ALA A 308 -8.29 18.79 -1.26
CA ALA A 308 -9.48 19.53 -0.92
C ALA A 308 -10.41 19.66 -2.12
N TYR A 309 -11.71 19.68 -1.82
CA TYR A 309 -12.85 19.94 -2.69
C TYR A 309 -13.18 18.75 -3.54
N VAL A 310 -12.49 17.62 -3.37
CA VAL A 310 -12.75 16.38 -4.09
CA VAL A 310 -12.83 16.40 -4.08
C VAL A 310 -12.98 15.26 -3.08
N GLU A 311 -14.03 14.48 -3.27
CA GLU A 311 -14.31 13.39 -2.35
C GLU A 311 -13.46 12.16 -2.71
N GLY A 312 -12.87 11.54 -1.67
CA GLY A 312 -11.82 10.53 -1.87
C GLY A 312 -12.25 9.30 -2.70
N GLU A 313 -13.45 8.76 -2.44
CA GLU A 313 -13.93 7.60 -3.23
C GLU A 313 -14.11 7.94 -4.70
N SER A 314 -14.60 9.18 -5.03
CA SER A 314 -14.68 9.55 -6.45
C SER A 314 -13.29 9.63 -7.08
N LEU A 315 -12.28 10.12 -6.34
CA LEU A 315 -10.94 10.10 -6.85
C LEU A 315 -10.44 8.65 -7.07
N LEU A 316 -10.73 7.72 -6.16
CA LEU A 316 -10.34 6.30 -6.38
C LEU A 316 -11.01 5.75 -7.64
N MET A 317 -12.30 6.03 -7.82
CA MET A 317 -13.02 5.61 -9.05
C MET A 317 -12.32 6.22 -10.26
N ALA A 318 -12.03 7.52 -10.23
CA ALA A 318 -11.37 8.22 -11.35
C ALA A 318 -10.02 7.58 -11.66
N LEU A 319 -9.29 7.21 -10.61
CA LEU A 319 -8.00 6.51 -10.80
C LEU A 319 -8.25 5.02 -11.08
N LYS A 320 -8.93 4.77 -12.21
CA LYS A 320 -9.46 3.44 -12.41
C LYS A 320 -8.37 2.43 -12.68
N ASP A 321 -7.16 2.85 -13.06
CA ASP A 321 -6.13 1.81 -13.31
C ASP A 321 -5.03 1.79 -12.26
N VAL A 322 -5.34 2.30 -11.04
CA VAL A 322 -4.41 2.23 -9.89
C VAL A 322 -5.19 1.68 -8.69
N ALA A 323 -4.64 0.64 -8.05
CA ALA A 323 -5.26 0.02 -6.87
C ALA A 323 -4.75 0.80 -5.67
N LEU A 324 -5.65 1.55 -5.04
CA LEU A 324 -5.33 2.42 -3.91
C LEU A 324 -6.35 2.21 -2.78
N SER A 325 -6.39 3.09 -1.77
CA SER A 325 -7.44 2.93 -0.78
C SER A 325 -7.68 4.27 -0.10
N SER A 326 -8.75 4.29 0.69
CA SER A 326 -8.98 5.40 1.61
C SER A 326 -8.57 5.05 3.04
N GLY A 327 -7.68 4.06 3.19
CA GLY A 327 -7.13 3.62 4.47
C GLY A 327 -7.81 2.41 5.09
N SER A 328 -7.63 2.31 6.41
CA SER A 328 -8.52 1.66 7.38
C SER A 328 -8.43 0.13 7.36
N ALA A 329 -9.22 -0.54 8.23
CA ALA A 329 -9.37 -2.01 8.27
C ALA A 329 -10.00 -2.57 7.00
N CYS A 330 -9.71 -1.95 5.85
CA CYS A 330 -10.44 -2.18 4.62
C CYS A 330 -11.93 -2.21 4.93
N THR A 331 -12.38 -1.09 5.52
CA THR A 331 -13.72 -0.95 6.08
C THR A 331 -14.05 0.55 6.21
N SER A 332 -14.19 1.03 7.44
CA SER A 332 -14.55 2.44 7.69
C SER A 332 -13.33 3.33 7.41
N ALA A 333 -13.13 3.59 6.11
CA ALA A 333 -12.03 4.44 5.62
C ALA A 333 -12.55 5.77 5.12
N SER A 334 -13.38 5.73 4.08
CA SER A 334 -14.11 6.88 3.59
C SER A 334 -15.61 6.72 3.77
N LEU A 335 -16.09 5.51 4.12
CA LEU A 335 -17.51 5.24 4.38
C LEU A 335 -18.03 6.13 5.52
N GLU A 336 -17.85 5.68 6.76
CA GLU A 336 -17.70 6.71 7.78
C GLU A 336 -16.25 7.20 7.76
N PRO A 337 -16.00 8.49 7.99
CA PRO A 337 -14.64 9.01 7.81
C PRO A 337 -13.66 8.25 8.71
N SER A 338 -12.40 8.27 8.32
CA SER A 338 -11.37 7.60 9.10
C SER A 338 -11.32 8.10 10.54
N TYR A 339 -11.43 7.19 11.53
CA TYR A 339 -11.22 7.63 12.90
C TYR A 339 -9.78 8.04 13.18
N VAL A 340 -8.82 7.56 12.37
CA VAL A 340 -7.43 8.00 12.52
C VAL A 340 -7.29 9.45 12.08
N LEU A 341 -7.86 9.79 10.92
CA LEU A 341 -7.83 11.20 10.50
C LEU A 341 -8.58 12.06 11.50
N ARG A 342 -9.68 11.56 12.04
CA ARG A 342 -10.36 12.41 13.04
C ARG A 342 -9.48 12.59 14.29
N ALA A 343 -8.77 11.53 14.69
CA ALA A 343 -7.95 11.61 15.91
C ALA A 343 -6.80 12.60 15.77
N ILE A 344 -6.27 12.81 14.54
CA ILE A 344 -5.21 13.82 14.40
C ILE A 344 -5.79 15.19 14.09
N GLY A 345 -7.09 15.36 14.25
CA GLY A 345 -7.67 16.69 14.14
C GLY A 345 -8.01 17.14 12.72
N THR A 346 -7.96 16.24 11.72
CA THR A 346 -8.38 16.58 10.36
C THR A 346 -9.83 17.02 10.36
N ASP A 347 -10.12 18.16 9.76
CA ASP A 347 -11.51 18.52 9.44
C ASP A 347 -12.25 17.33 8.80
N GLU A 348 -13.52 17.15 9.18
CA GLU A 348 -14.34 16.05 8.66
C GLU A 348 -14.42 16.08 7.12
N ASP A 349 -14.62 17.26 6.53
CA ASP A 349 -14.69 17.30 5.06
C ASP A 349 -13.36 16.89 4.40
N LEU A 350 -12.24 17.36 4.94
CA LEU A 350 -10.96 16.92 4.43
C LEU A 350 -10.72 15.47 4.74
N ALA A 351 -11.31 14.93 5.80
CA ALA A 351 -11.06 13.48 5.97
C ALA A 351 -11.80 12.69 4.90
N HIS A 352 -12.92 13.26 4.39
CA HIS A 352 -13.60 12.68 3.25
C HIS A 352 -12.82 12.84 1.95
N SER A 353 -11.72 13.57 1.97
CA SER A 353 -10.99 13.90 0.76
C SER A 353 -9.65 13.24 0.75
N SER A 354 -9.43 12.27 1.61
CA SER A 354 -8.11 11.69 1.82
CA SER A 354 -8.08 11.71 1.78
C SER A 354 -7.95 10.35 1.14
N ILE A 355 -6.79 10.11 0.55
CA ILE A 355 -6.53 8.78 0.02
C ILE A 355 -5.14 8.32 0.42
N ARG A 356 -4.95 7.00 0.43
CA ARG A 356 -3.70 6.38 0.86
C ARG A 356 -2.97 5.77 -0.34
N PHE A 357 -1.71 6.10 -0.49
CA PHE A 357 -0.83 5.51 -1.51
C PHE A 357 0.19 4.61 -0.81
N GLY A 358 0.41 3.38 -1.34
CA GLY A 358 1.42 2.52 -0.70
C GLY A 358 2.51 2.22 -1.71
N ILE A 359 3.75 2.40 -1.34
CA ILE A 359 4.89 2.08 -2.18
C ILE A 359 5.65 0.96 -1.50
N GLY A 360 5.99 -0.10 -2.26
CA GLY A 360 6.70 -1.17 -1.61
C GLY A 360 7.89 -1.68 -2.38
N ARG A 361 8.29 -2.88 -1.98
CA ARG A 361 9.53 -3.46 -2.48
C ARG A 361 9.51 -3.58 -4.00
N PHE A 362 8.36 -3.85 -4.59
CA PHE A 362 8.35 -4.08 -6.04
C PHE A 362 7.84 -2.88 -6.83
N THR A 363 7.55 -1.77 -6.19
CA THR A 363 7.01 -0.64 -6.92
C THR A 363 8.09 -0.02 -7.85
N THR A 364 7.72 0.35 -9.09
CA THR A 364 8.69 0.99 -9.97
C THR A 364 8.48 2.50 -10.05
N GLU A 365 9.54 3.15 -10.49
CA GLU A 365 9.46 4.58 -10.74
C GLU A 365 8.39 4.92 -11.78
N GLU A 366 8.27 4.10 -12.83
N GLU A 366 8.25 4.06 -12.80
CA GLU A 366 7.22 4.34 -13.82
CA GLU A 366 7.26 4.22 -13.85
C GLU A 366 5.83 4.26 -13.19
C GLU A 366 5.83 4.16 -13.28
N GLU A 367 5.60 3.28 -12.31
CA GLU A 367 4.29 3.23 -11.64
C GLU A 367 4.03 4.49 -10.83
N VAL A 368 5.04 4.96 -10.10
CA VAL A 368 4.86 6.20 -9.34
C VAL A 368 4.50 7.35 -10.28
N ASP A 369 5.20 7.44 -11.41
CA ASP A 369 5.00 8.61 -12.27
C ASP A 369 3.63 8.52 -12.95
N TYR A 370 3.23 7.33 -13.33
CA TYR A 370 1.90 7.16 -13.89
C TYR A 370 0.83 7.55 -12.87
N THR A 371 0.99 7.09 -11.63
CA THR A 371 0.02 7.40 -10.59
C THR A 371 -0.05 8.92 -10.34
N VAL A 372 1.12 9.54 -10.27
CA VAL A 372 1.15 11.00 -10.05
C VAL A 372 0.43 11.72 -11.18
N GLU A 373 0.78 11.36 -12.41
CA GLU A 373 0.19 12.03 -13.57
C GLU A 373 -1.33 11.90 -13.56
N LYS A 374 -1.85 10.69 -13.30
CA LYS A 374 -3.29 10.46 -13.27
C LYS A 374 -3.94 11.19 -12.09
N CYS A 375 -3.28 11.18 -10.93
CA CYS A 375 -3.78 11.90 -9.77
CA CYS A 375 -3.83 11.88 -9.79
C CYS A 375 -3.97 13.37 -10.10
N ILE A 376 -2.96 13.98 -10.71
CA ILE A 376 -3.06 15.39 -11.04
C ILE A 376 -4.23 15.64 -12.00
N GLN A 377 -4.33 14.85 -13.06
CA GLN A 377 -5.40 15.03 -14.05
C GLN A 377 -6.79 14.91 -13.42
N HIS A 378 -6.99 13.86 -12.60
CA HIS A 378 -8.33 13.60 -12.09
C HIS A 378 -8.70 14.50 -10.93
N VAL A 379 -7.74 14.90 -10.09
CA VAL A 379 -8.10 15.91 -9.11
C VAL A 379 -8.57 17.16 -9.80
N LYS A 380 -7.88 17.58 -10.88
CA LYS A 380 -8.36 18.76 -11.59
C LYS A 380 -9.75 18.52 -12.15
N ARG A 381 -9.99 17.35 -12.75
CA ARG A 381 -11.30 17.07 -13.34
CA ARG A 381 -11.30 17.07 -13.34
C ARG A 381 -12.38 17.09 -12.28
N LEU A 382 -12.15 16.36 -11.17
CA LEU A 382 -13.15 16.32 -10.10
C LEU A 382 -13.37 17.71 -9.50
N ARG A 383 -12.31 18.52 -9.38
CA ARG A 383 -12.56 19.88 -8.89
C ARG A 383 -13.46 20.67 -9.84
N GLU A 384 -13.24 20.52 -11.14
CA GLU A 384 -14.11 21.21 -12.09
C GLU A 384 -15.53 20.67 -12.03
N MET A 385 -15.76 19.52 -11.44
CA MET A 385 -17.12 19.06 -11.27
C MET A 385 -17.65 19.42 -9.86
N SER A 386 -16.80 20.03 -8.96
CA SER A 386 -17.15 20.16 -7.54
C SER A 386 -17.83 21.49 -7.24
N PRO A 387 -18.99 21.50 -6.57
CA PRO A 387 -19.61 22.79 -6.20
C PRO A 387 -18.79 23.50 -5.13
N LEU A 388 -18.03 22.77 -4.32
CA LEU A 388 -17.20 23.42 -3.30
C LEU A 388 -16.05 24.18 -3.93
N TRP A 389 -15.39 23.56 -4.91
CA TRP A 389 -14.37 24.28 -5.69
C TRP A 389 -14.95 25.49 -6.41
N GLU A 390 -16.13 25.32 -7.06
CA GLU A 390 -16.75 26.47 -7.71
C GLU A 390 -17.00 27.60 -6.71
N MET A 391 -17.47 27.25 -5.50
CA MET A 391 -17.75 28.34 -4.55
C MET A 391 -16.48 29.03 -4.07
N VAL A 392 -15.45 28.27 -3.72
CA VAL A 392 -14.19 28.87 -3.29
CA VAL A 392 -14.24 28.95 -3.26
C VAL A 392 -13.58 29.71 -4.41
N GLN A 393 -13.72 29.26 -5.67
CA GLN A 393 -13.23 30.05 -6.82
C GLN A 393 -14.00 31.35 -7.00
N ASP A 394 -15.26 31.42 -6.58
N ASP A 394 -15.26 31.39 -6.60
CA ASP A 394 -16.02 32.65 -6.62
CA ASP A 394 -16.06 32.61 -6.62
C ASP A 394 -15.83 33.45 -5.34
C ASP A 394 -15.87 33.39 -5.33
N GLY A 395 -14.85 33.06 -4.53
CA GLY A 395 -14.55 33.83 -3.36
C GLY A 395 -15.46 33.62 -2.18
N ILE A 396 -16.25 32.54 -2.15
CA ILE A 396 -17.11 32.24 -1.01
C ILE A 396 -16.32 31.48 0.05
N ASP A 397 -16.56 31.82 1.31
CA ASP A 397 -15.99 31.11 2.45
C ASP A 397 -16.93 29.94 2.80
N LEU A 398 -16.44 28.71 2.70
CA LEU A 398 -17.33 27.58 2.97
C LEU A 398 -17.71 27.51 4.45
N LYS A 399 -16.84 28.00 5.35
CA LYS A 399 -17.16 28.01 6.78
C LYS A 399 -18.30 28.95 7.12
N SER A 400 -18.88 29.63 6.13
CA SER A 400 -19.98 30.54 6.37
C SER A 400 -21.31 30.06 5.81
N ILE A 401 -21.38 28.86 5.24
CA ILE A 401 -22.64 28.39 4.68
C ILE A 401 -23.34 27.57 5.75
N LYS A 402 -24.67 27.61 5.74
CA LYS A 402 -25.52 26.83 6.65
C LYS A 402 -25.97 25.59 5.89
N TRP A 403 -25.27 24.47 6.13
CA TRP A 403 -25.49 23.23 5.36
C TRP A 403 -26.64 22.34 5.91
N ALA B 2 41.09 -24.81 -8.96
CA ALA B 2 40.19 -23.87 -8.32
C ALA B 2 39.36 -23.17 -9.39
N ALA B 3 38.06 -23.02 -9.18
CA ALA B 3 37.26 -22.28 -10.14
C ALA B 3 37.52 -20.77 -10.01
N SER B 4 37.43 -20.06 -11.14
CA SER B 4 37.63 -18.62 -11.16
C SER B 4 36.41 -17.91 -10.61
N SER B 5 36.57 -17.17 -9.52
CA SER B 5 35.45 -16.41 -9.01
C SER B 5 34.97 -15.40 -10.06
N ARG B 6 35.90 -14.81 -10.85
CA ARG B 6 35.50 -13.76 -11.80
C ARG B 6 34.65 -14.33 -12.93
N ALA B 7 35.05 -15.49 -13.43
CA ALA B 7 34.34 -16.21 -14.47
C ALA B 7 33.00 -16.66 -13.98
N GLN B 8 32.97 -17.29 -12.79
CA GLN B 8 31.70 -17.59 -12.16
C GLN B 8 30.85 -16.34 -12.01
N VAL B 9 31.45 -15.24 -11.53
CA VAL B 9 30.59 -14.10 -11.20
C VAL B 9 29.98 -13.52 -12.49
N LEU B 10 30.79 -13.33 -13.55
CA LEU B 10 30.25 -12.71 -14.77
C LEU B 10 29.28 -13.66 -15.49
N ALA B 11 29.50 -14.96 -15.40
CA ALA B 11 28.53 -15.88 -15.97
C ALA B 11 27.22 -15.95 -15.18
N LEU B 12 27.27 -15.90 -13.82
CA LEU B 12 26.05 -15.81 -13.03
C LEU B 12 25.33 -14.52 -13.35
N TYR B 13 26.09 -13.41 -13.46
CA TYR B 13 25.44 -12.15 -13.74
C TYR B 13 24.60 -12.23 -15.01
N ARG B 14 25.20 -12.71 -16.11
CA ARG B 14 24.46 -12.85 -17.36
C ARG B 14 23.28 -13.80 -17.20
N ALA B 15 23.49 -14.96 -16.55
CA ALA B 15 22.39 -15.95 -16.46
C ALA B 15 21.24 -15.42 -15.65
N MET B 16 21.57 -14.71 -14.60
CA MET B 16 20.56 -14.23 -13.67
C MET B 16 19.76 -13.10 -14.33
N LEU B 17 20.43 -12.24 -15.08
CA LEU B 17 19.70 -11.20 -15.79
C LEU B 17 18.86 -11.82 -16.90
N ARG B 18 19.41 -12.75 -17.69
CA ARG B 18 18.61 -13.30 -18.79
C ARG B 18 17.40 -14.05 -18.24
N GLU B 19 17.59 -14.80 -17.16
CA GLU B 19 16.44 -15.53 -16.65
C GLU B 19 15.40 -14.61 -16.04
N SER B 20 15.83 -13.58 -15.30
CA SER B 20 14.87 -12.67 -14.66
CA SER B 20 14.86 -12.70 -14.66
C SER B 20 14.00 -11.96 -15.69
N LYS B 21 14.57 -11.66 -16.87
CA LYS B 21 13.81 -11.02 -17.92
C LYS B 21 12.65 -11.89 -18.42
N ARG B 22 12.62 -13.18 -18.11
CA ARG B 22 11.51 -14.05 -18.52
C ARG B 22 10.37 -14.08 -17.51
N PHE B 23 10.51 -13.45 -16.34
CA PHE B 23 9.36 -13.33 -15.43
C PHE B 23 8.19 -12.74 -16.19
N SER B 24 7.06 -13.45 -16.13
CA SER B 24 5.84 -12.99 -16.77
CA SER B 24 5.84 -12.98 -16.77
C SER B 24 5.27 -11.75 -16.07
N ALA B 25 5.35 -11.71 -14.76
CA ALA B 25 4.75 -10.62 -14.00
C ALA B 25 5.70 -9.41 -13.97
N TYR B 26 5.15 -8.24 -14.33
CA TYR B 26 5.91 -6.99 -14.35
C TYR B 26 6.62 -6.69 -13.03
N ASN B 27 5.91 -6.77 -11.92
CA ASN B 27 6.62 -6.34 -10.69
CA ASN B 27 6.53 -6.49 -10.60
C ASN B 27 7.82 -7.30 -10.22
N TYR B 28 7.66 -8.60 -10.51
CA TYR B 28 8.81 -9.48 -10.21
C TYR B 28 9.92 -9.28 -11.22
N ARG B 29 9.55 -9.11 -12.48
CA ARG B 29 10.58 -9.00 -13.51
C ARG B 29 11.40 -7.75 -13.28
N THR B 30 10.72 -6.61 -13.06
CA THR B 30 11.44 -5.33 -12.98
C THR B 30 12.24 -5.30 -11.69
N TYR B 31 11.70 -5.90 -10.63
CA TYR B 31 12.45 -5.95 -9.36
C TYR B 31 13.70 -6.81 -9.49
N ALA B 32 13.57 -8.00 -10.08
CA ALA B 32 14.68 -8.93 -10.15
C ALA B 32 15.85 -8.35 -10.96
N VAL B 33 15.55 -7.83 -12.17
CA VAL B 33 16.59 -7.22 -13.00
C VAL B 33 17.28 -6.08 -12.25
N ARG B 34 16.49 -5.19 -11.67
CA ARG B 34 17.09 -4.05 -10.95
C ARG B 34 17.90 -4.54 -9.74
N ARG B 35 17.37 -5.50 -9.00
CA ARG B 35 18.05 -5.89 -7.75
C ARG B 35 19.38 -6.59 -8.04
N ILE B 36 19.39 -7.43 -9.07
CA ILE B 36 20.62 -8.10 -9.50
C ILE B 36 21.65 -7.08 -9.91
N ARG B 37 21.27 -6.14 -10.78
CA ARG B 37 22.19 -5.09 -11.18
C ARG B 37 22.73 -4.33 -9.95
N ASP B 38 21.84 -3.94 -9.04
CA ASP B 38 22.29 -3.17 -7.87
C ASP B 38 23.19 -4.02 -6.94
N ALA B 39 22.88 -5.29 -6.76
CA ALA B 39 23.63 -6.09 -5.78
C ALA B 39 25.05 -6.42 -6.27
N PHE B 40 25.20 -6.81 -7.53
CA PHE B 40 26.54 -7.13 -8.10
C PHE B 40 27.40 -5.86 -8.02
N ARG B 41 26.80 -4.71 -8.33
N ARG B 41 26.81 -4.70 -8.32
CA ARG B 41 27.55 -3.42 -8.33
CA ARG B 41 27.55 -3.42 -8.33
C ARG B 41 27.96 -3.06 -6.91
C ARG B 41 27.96 -3.04 -6.91
N GLU B 42 27.05 -3.23 -5.95
CA GLU B 42 27.33 -2.90 -4.54
C GLU B 42 28.48 -3.78 -4.03
N ASN B 43 28.53 -5.03 -4.48
CA ASN B 43 29.55 -5.96 -4.00
C ASN B 43 30.80 -6.02 -4.85
N LYS B 44 30.95 -5.10 -5.82
CA LYS B 44 32.02 -5.17 -6.80
C LYS B 44 33.41 -5.10 -6.17
N ASN B 45 33.54 -4.42 -5.05
CA ASN B 45 34.83 -4.14 -4.45
C ASN B 45 35.16 -5.04 -3.25
N VAL B 46 34.39 -6.10 -3.01
CA VAL B 46 34.72 -7.03 -1.94
C VAL B 46 36.03 -7.74 -2.32
N LYS B 47 36.98 -7.89 -1.38
CA LYS B 47 38.25 -8.54 -1.73
C LYS B 47 38.51 -9.88 -1.05
N ASP B 48 37.86 -10.17 0.06
CA ASP B 48 38.06 -11.43 0.78
C ASP B 48 37.58 -12.64 -0.03
N PRO B 49 38.46 -13.55 -0.45
CA PRO B 49 38.00 -14.67 -1.31
C PRO B 49 36.87 -15.48 -0.69
N VAL B 50 36.82 -15.54 0.65
CA VAL B 50 35.78 -16.29 1.36
C VAL B 50 34.43 -15.60 1.28
N GLU B 51 34.39 -14.28 1.51
CA GLU B 51 33.14 -13.56 1.35
C GLU B 51 32.64 -13.58 -0.09
N ILE B 52 33.55 -13.48 -1.05
CA ILE B 52 33.15 -13.56 -2.45
C ILE B 52 32.44 -14.88 -2.71
N GLN B 53 33.06 -16.00 -2.27
CA GLN B 53 32.48 -17.32 -2.47
C GLN B 53 31.11 -17.45 -1.79
N THR B 54 30.97 -16.85 -0.60
CA THR B 54 29.63 -16.79 0.03
C THR B 54 28.62 -16.06 -0.85
N LEU B 55 29.04 -14.93 -1.47
CA LEU B 55 28.15 -14.18 -2.35
C LEU B 55 27.81 -14.95 -3.60
N VAL B 56 28.80 -15.65 -4.17
CA VAL B 56 28.56 -16.49 -5.35
C VAL B 56 27.56 -17.58 -5.02
N ASN B 57 27.73 -18.25 -3.87
CA ASN B 57 26.81 -19.34 -3.49
C ASN B 57 25.40 -18.83 -3.30
N LYS B 58 25.24 -17.69 -2.65
CA LYS B 58 23.92 -17.08 -2.59
C LYS B 58 23.36 -16.77 -3.98
N ALA B 59 24.21 -16.25 -4.87
CA ALA B 59 23.70 -15.94 -6.21
C ALA B 59 23.25 -17.22 -6.93
N LYS B 60 24.00 -18.32 -6.79
CA LYS B 60 23.57 -19.59 -7.40
C LYS B 60 22.25 -20.07 -6.82
N ARG B 61 22.08 -19.95 -5.49
CA ARG B 61 20.79 -20.32 -4.87
CA ARG B 61 20.80 -20.30 -4.85
C ARG B 61 19.66 -19.47 -5.46
N ASP B 62 19.88 -18.15 -5.56
CA ASP B 62 18.85 -17.26 -6.09
C ASP B 62 18.58 -17.48 -7.57
N LEU B 63 19.60 -17.89 -8.33
CA LEU B 63 19.34 -18.25 -9.72
C LEU B 63 18.40 -19.46 -9.79
N GLY B 64 18.59 -20.44 -8.92
CA GLY B 64 17.61 -21.54 -8.84
C GLY B 64 16.21 -21.05 -8.51
N VAL B 65 16.10 -20.16 -7.52
CA VAL B 65 14.79 -19.55 -7.19
C VAL B 65 14.17 -18.87 -8.41
N ILE B 66 14.96 -18.06 -9.12
CA ILE B 66 14.42 -17.33 -10.28
C ILE B 66 13.97 -18.30 -11.35
N ARG B 67 14.79 -19.32 -11.66
CA ARG B 67 14.35 -20.30 -12.67
C ARG B 67 13.01 -20.93 -12.30
N ARG B 68 12.89 -21.45 -11.05
CA ARG B 68 11.66 -22.12 -10.65
C ARG B 68 10.48 -21.15 -10.65
N GLN B 69 10.66 -19.92 -10.13
CA GLN B 69 9.54 -18.99 -10.00
C GLN B 69 9.14 -18.37 -11.36
N VAL B 70 10.10 -18.20 -12.27
CA VAL B 70 9.74 -17.83 -13.63
C VAL B 70 8.84 -18.89 -14.24
N HIS B 71 9.23 -20.17 -14.09
CA HIS B 71 8.41 -21.18 -14.72
CA HIS B 71 8.45 -21.28 -14.63
C HIS B 71 7.03 -21.25 -14.07
N ILE B 72 6.93 -21.17 -12.75
CA ILE B 72 5.62 -21.20 -12.10
CA ILE B 72 5.58 -21.28 -12.26
C ILE B 72 4.77 -20.01 -12.54
N GLY B 73 5.42 -18.86 -12.67
CA GLY B 73 4.61 -17.70 -13.09
C GLY B 73 4.19 -17.75 -14.55
N GLN B 74 4.85 -18.59 -15.37
CA GLN B 74 4.34 -18.80 -16.73
C GLN B 74 3.21 -19.82 -16.74
N LEU B 75 3.25 -20.81 -15.85
CA LEU B 75 2.11 -21.73 -15.78
C LEU B 75 0.84 -21.02 -15.33
N TYR B 76 0.98 -20.04 -14.42
CA TYR B 76 -0.16 -19.33 -13.86
C TYR B 76 0.01 -17.82 -14.14
N SER B 77 0.00 -17.43 -15.41
CA SER B 77 0.26 -16.06 -15.82
C SER B 77 -1.09 -15.31 -15.82
N THR B 78 -1.05 -13.99 -15.94
CA THR B 78 -2.32 -13.25 -16.05
C THR B 78 -2.11 -12.09 -17.05
N ASP B 79 -3.10 -11.24 -17.22
CA ASP B 79 -2.95 -10.14 -18.18
C ASP B 79 -1.83 -9.20 -17.77
N LYS B 80 -1.29 -8.42 -18.72
CA LYS B 80 -0.36 -7.38 -18.30
C LYS B 80 -1.03 -6.18 -17.64
N LEU B 81 -0.15 -5.36 -17.02
CA LEU B 81 -0.60 -4.12 -16.39
C LEU B 81 -0.86 -3.07 -17.44
N ILE B 82 -1.72 -2.10 -17.08
CA ILE B 82 -2.01 -0.92 -17.85
C ILE B 82 -0.76 -0.27 -18.43
N ILE B 83 0.33 -0.26 -17.68
CA ILE B 83 1.49 0.49 -18.14
C ILE B 83 2.42 -0.27 -19.06
N GLU B 84 2.22 -1.57 -19.28
CA GLU B 84 2.95 -2.28 -20.31
C GLU B 84 2.36 -2.06 -21.71
N ASN B 85 1.40 -1.14 -21.84
CA ASN B 85 0.74 -0.71 -23.07
C ASN B 85 1.42 0.51 -23.78
N ILE C 3 19.23 3.62 -38.94
CA ILE C 3 20.54 3.12 -39.33
C ILE C 3 21.06 2.07 -38.31
N GLU C 4 21.62 0.96 -38.77
CA GLU C 4 22.16 -0.07 -37.84
C GLU C 4 23.13 0.60 -36.86
N GLU C 5 23.68 1.76 -37.21
CA GLU C 5 24.52 2.50 -36.22
C GLU C 5 23.63 2.90 -35.04
N ARG C 6 22.43 2.34 -34.95
CA ARG C 6 21.61 2.49 -33.72
C ARG C 6 22.49 1.85 -32.64
N VAL C 7 23.44 1.02 -33.08
CA VAL C 7 24.43 0.52 -32.15
C VAL C 7 25.02 1.65 -31.31
N LYS C 8 25.24 2.82 -31.92
CA LYS C 8 25.80 3.94 -31.18
C LYS C 8 24.82 4.44 -30.11
N LYS C 9 23.53 4.58 -30.45
CA LYS C 9 22.53 4.98 -29.46
C LYS C 9 22.58 4.05 -28.24
N ILE C 10 22.45 2.73 -28.42
CA ILE C 10 22.52 1.80 -27.27
C ILE C 10 23.78 2.00 -26.43
N ILE C 11 24.95 2.09 -27.09
CA ILE C 11 26.20 2.16 -26.34
C ILE C 11 26.26 3.44 -25.51
N GLY C 12 25.81 4.56 -26.08
CA GLY C 12 25.76 5.79 -25.31
C GLY C 12 24.77 5.72 -24.16
N GLU C 13 23.53 5.29 -24.45
CA GLU C 13 22.55 5.02 -23.40
C GLU C 13 23.14 4.17 -22.29
N GLN C 14 23.70 3.01 -22.66
CA GLN C 14 24.15 2.07 -21.64
C GLN C 14 25.32 2.63 -20.83
N LEU C 15 26.20 3.39 -21.46
CA LEU C 15 27.44 3.75 -20.81
C LEU C 15 27.45 5.17 -20.29
N GLY C 16 26.38 5.92 -20.53
CA GLY C 16 26.28 7.29 -20.06
C GLY C 16 27.27 8.25 -20.69
N VAL C 17 27.51 8.12 -22.00
CA VAL C 17 28.48 8.95 -22.71
C VAL C 17 27.76 9.64 -23.87
N LYS C 18 28.08 10.93 -24.08
CA LYS C 18 27.39 11.67 -25.12
C LYS C 18 27.62 10.97 -26.46
N GLN C 19 26.61 11.01 -27.33
CA GLN C 19 26.73 10.34 -28.63
C GLN C 19 28.00 10.82 -29.33
N GLU C 20 28.39 12.08 -29.09
CA GLU C 20 29.62 12.62 -29.64
C GLU C 20 30.82 11.76 -29.28
N GLU C 21 30.89 11.27 -28.04
CA GLU C 21 32.05 10.49 -27.64
C GLU C 21 32.03 9.05 -28.16
N VAL C 22 30.92 8.58 -28.76
CA VAL C 22 30.80 7.14 -29.09
C VAL C 22 31.30 6.98 -30.52
N THR C 23 32.61 6.85 -30.65
CA THR C 23 33.27 6.77 -31.94
C THR C 23 33.51 5.33 -32.35
N ASN C 24 33.59 5.13 -33.67
CA ASN C 24 33.71 3.78 -34.21
C ASN C 24 34.96 3.05 -33.70
N ASN C 25 35.98 3.78 -33.25
CA ASN C 25 37.24 3.19 -32.82
C ASN C 25 37.25 2.80 -31.34
N ALA C 26 36.28 3.25 -30.55
CA ALA C 26 36.42 3.24 -29.10
C ALA C 26 36.21 1.87 -28.48
N SER C 27 37.05 1.55 -27.48
CA SER C 27 36.84 0.41 -26.60
C SER C 27 35.93 0.82 -25.45
N PHE C 28 35.02 -0.07 -25.10
CA PHE C 28 34.08 0.24 -24.04
C PHE C 28 34.81 0.49 -22.73
N VAL C 29 35.82 -0.35 -22.45
CA VAL C 29 36.54 -0.24 -21.19
C VAL C 29 37.59 0.84 -21.24
N GLU C 30 38.46 0.79 -22.24
CA GLU C 30 39.62 1.67 -22.23
C GLU C 30 39.20 3.08 -22.62
N ASP C 31 38.31 3.21 -23.58
CA ASP C 31 37.87 4.52 -24.08
C ASP C 31 36.59 5.06 -23.43
N LEU C 32 35.61 4.23 -23.02
CA LEU C 32 34.31 4.76 -22.60
C LEU C 32 33.98 4.48 -21.13
N GLY C 33 34.91 3.97 -20.35
CA GLY C 33 34.72 3.86 -18.91
C GLY C 33 33.84 2.72 -18.45
N ALA C 34 33.60 1.72 -19.29
CA ALA C 34 32.80 0.58 -18.85
C ALA C 34 33.63 -0.37 -17.99
N ASP C 35 32.96 -1.05 -17.04
CA ASP C 35 33.55 -2.23 -16.44
C ASP C 35 32.88 -3.48 -17.02
N SER C 36 33.22 -4.65 -16.47
CA SER C 36 32.73 -5.90 -17.06
C SER C 36 31.26 -6.17 -16.72
N LEU C 37 30.71 -5.52 -15.67
CA LEU C 37 29.26 -5.60 -15.45
C LEU C 37 28.52 -4.79 -16.51
N ASP C 38 29.02 -3.58 -16.78
CA ASP C 38 28.44 -2.80 -17.88
C ASP C 38 28.50 -3.56 -19.20
N THR C 39 29.62 -4.26 -19.48
CA THR C 39 29.69 -4.87 -20.81
C THR C 39 28.76 -6.10 -20.92
N VAL C 40 28.58 -6.87 -19.85
CA VAL C 40 27.50 -7.88 -19.85
C VAL C 40 26.17 -7.24 -20.24
N GLU C 41 25.79 -6.15 -19.55
CA GLU C 41 24.48 -5.52 -19.84
C GLU C 41 24.47 -4.93 -21.23
N LEU C 42 25.60 -4.36 -21.64
CA LEU C 42 25.62 -3.76 -22.96
C LEU C 42 25.38 -4.84 -24.01
N VAL C 43 26.01 -6.01 -23.86
CA VAL C 43 25.81 -7.09 -24.83
C VAL C 43 24.34 -7.51 -24.84
N MET C 44 23.73 -7.54 -23.65
CA MET C 44 22.34 -7.93 -23.57
C MET C 44 21.44 -6.87 -24.20
N ALA C 45 21.81 -5.60 -24.08
CA ALA C 45 20.98 -4.56 -24.69
C ALA C 45 21.00 -4.63 -26.21
N LEU C 46 22.19 -4.90 -26.80
CA LEU C 46 22.28 -5.23 -28.22
C LEU C 46 21.44 -6.44 -28.60
N GLU C 47 21.50 -7.52 -27.80
CA GLU C 47 20.65 -8.67 -28.08
C GLU C 47 19.18 -8.28 -28.14
N GLU C 48 18.70 -7.57 -27.09
CA GLU C 48 17.31 -7.09 -27.04
C GLU C 48 17.00 -6.14 -28.21
N GLU C 49 17.92 -5.23 -28.52
CA GLU C 49 17.60 -4.21 -29.52
C GLU C 49 17.46 -4.82 -30.90
N PHE C 50 18.28 -5.81 -31.23
CA PHE C 50 18.28 -6.34 -32.58
C PHE C 50 17.72 -7.74 -32.67
N ASP C 51 17.04 -8.19 -31.60
CA ASP C 51 16.37 -9.49 -31.57
C ASP C 51 17.33 -10.56 -32.10
N THR C 52 18.54 -10.58 -31.52
CA THR C 52 19.62 -11.45 -31.93
C THR C 52 20.22 -12.12 -30.70
N GLU C 53 20.77 -13.31 -30.89
CA GLU C 53 21.34 -14.08 -29.79
C GLU C 53 22.86 -14.02 -29.92
N ILE C 54 23.54 -13.44 -28.92
CA ILE C 54 24.99 -13.30 -28.97
C ILE C 54 25.66 -14.22 -27.96
N PRO C 55 26.18 -15.36 -28.38
CA PRO C 55 26.78 -16.32 -27.43
C PRO C 55 28.16 -15.87 -26.93
N ASP C 56 28.62 -16.57 -25.89
CA ASP C 56 29.77 -16.10 -25.10
C ASP C 56 31.01 -15.91 -25.98
N GLU C 57 31.30 -16.87 -26.86
CA GLU C 57 32.53 -16.74 -27.62
C GLU C 57 32.46 -15.54 -28.56
N GLU C 58 31.24 -15.16 -28.99
CA GLU C 58 31.10 -13.96 -29.81
C GLU C 58 31.09 -12.72 -28.95
N ALA C 59 30.37 -12.77 -27.82
CA ALA C 59 30.31 -11.61 -26.94
C ALA C 59 31.70 -11.20 -26.52
N GLU C 60 32.57 -12.18 -26.24
CA GLU C 60 33.92 -11.89 -25.78
C GLU C 60 34.72 -11.04 -26.79
N LYS C 61 34.45 -11.18 -28.10
CA LYS C 61 35.11 -10.41 -29.14
C LYS C 61 34.50 -9.00 -29.34
N ILE C 62 33.41 -8.64 -28.67
CA ILE C 62 32.71 -7.41 -29.01
C ILE C 62 33.16 -6.42 -27.94
N THR C 63 34.28 -5.77 -28.19
CA THR C 63 34.90 -4.93 -27.18
C THR C 63 34.96 -3.49 -27.64
N THR C 64 34.52 -3.19 -28.86
CA THR C 64 34.62 -1.87 -29.44
C THR C 64 33.32 -1.56 -30.17
N VAL C 65 33.12 -0.26 -30.45
CA VAL C 65 31.93 0.20 -31.14
C VAL C 65 31.81 -0.46 -32.51
N GLN C 66 32.91 -0.50 -33.27
CA GLN C 66 32.88 -1.09 -34.60
C GLN C 66 32.57 -2.59 -34.52
N ALA C 67 33.25 -3.30 -33.62
CA ALA C 67 32.95 -4.73 -33.48
C ALA C 67 31.46 -4.95 -33.22
N ALA C 68 30.82 -4.06 -32.47
CA ALA C 68 29.40 -4.24 -32.24
C ALA C 68 28.62 -3.93 -33.52
N ILE C 69 28.99 -2.84 -34.22
CA ILE C 69 28.37 -2.52 -35.52
C ILE C 69 28.54 -3.67 -36.51
N ASP C 70 29.76 -4.24 -36.61
CA ASP C 70 29.96 -5.32 -37.56
C ASP C 70 29.23 -6.59 -37.17
N TYR C 71 29.17 -6.92 -35.89
CA TYR C 71 28.43 -8.13 -35.53
C TYR C 71 26.95 -8.00 -35.93
N ILE C 72 26.34 -6.88 -35.58
CA ILE C 72 24.92 -6.71 -35.84
C ILE C 72 24.64 -6.73 -37.35
N ASN C 73 25.48 -6.04 -38.16
CA ASN C 73 25.29 -6.03 -39.62
C ASN C 73 25.38 -7.43 -40.21
N GLY C 74 26.29 -8.26 -39.71
CA GLY C 74 26.44 -9.60 -40.19
C GLY C 74 25.49 -10.64 -39.64
N HIS C 75 24.47 -10.23 -38.88
CA HIS C 75 23.49 -11.18 -38.37
C HIS C 75 22.06 -10.68 -38.62
N GLN C 76 21.81 -10.28 -39.86
CA GLN C 76 20.52 -9.74 -40.35
C GLN C 76 20.06 -8.57 -39.50
N ALA D 2 -15.66 2.92 -7.14
CA ALA D 2 -17.00 2.58 -7.60
C ALA D 2 -16.83 1.57 -8.73
N TYR D 3 -17.83 0.68 -8.87
CA TYR D 3 -17.72 -0.55 -9.64
C TYR D 3 -18.73 -0.69 -10.78
N HIS D 4 -20.01 -0.33 -10.57
CA HIS D 4 -20.98 -0.51 -11.64
C HIS D 4 -20.58 0.34 -12.85
N LYS D 5 -20.69 -0.29 -14.04
CA LYS D 5 -20.52 0.42 -15.30
C LYS D 5 -21.43 1.63 -15.40
N LYS D 6 -22.67 1.50 -14.94
CA LYS D 6 -23.64 2.59 -15.07
C LYS D 6 -23.23 3.81 -14.25
N VAL D 7 -22.65 3.57 -13.08
CA VAL D 7 -22.26 4.66 -12.21
C VAL D 7 -21.02 5.34 -12.79
N VAL D 8 -20.01 4.54 -13.12
N VAL D 8 -20.00 4.54 -13.14
CA VAL D 8 -18.75 5.09 -13.60
CA VAL D 8 -18.75 5.19 -13.58
C VAL D 8 -18.97 5.92 -14.88
C VAL D 8 -18.95 5.93 -14.91
N ASP D 9 -19.92 5.51 -15.72
CA ASP D 9 -20.19 6.21 -16.99
C ASP D 9 -20.44 7.73 -16.78
N HIS D 10 -21.13 8.10 -15.69
CA HIS D 10 -21.43 9.51 -15.46
C HIS D 10 -20.18 10.32 -15.10
N TYR D 11 -19.10 9.68 -14.66
CA TYR D 11 -17.83 10.38 -14.51
C TYR D 11 -16.98 10.29 -15.79
N GLU D 12 -16.91 9.12 -16.40
CA GLU D 12 -16.03 8.99 -17.55
C GLU D 12 -16.58 9.70 -18.77
N ASN D 13 -17.91 9.83 -18.87
CA ASN D 13 -18.58 10.50 -20.01
C ASN D 13 -19.50 11.53 -19.38
N PRO D 14 -18.90 12.64 -18.86
CA PRO D 14 -19.70 13.60 -18.13
C PRO D 14 -20.70 14.31 -19.03
N ARG D 15 -21.88 14.60 -18.48
CA ARG D 15 -22.90 15.36 -19.25
C ARG D 15 -23.60 16.37 -18.33
N ASN D 16 -23.83 17.59 -18.81
CA ASN D 16 -24.55 18.64 -18.05
C ASN D 16 -23.75 19.12 -16.83
N VAL D 17 -22.43 18.95 -16.84
CA VAL D 17 -21.68 19.52 -15.71
C VAL D 17 -21.58 21.03 -15.95
N GLY D 18 -21.88 21.83 -14.94
CA GLY D 18 -21.73 23.28 -15.18
C GLY D 18 -22.61 24.10 -14.24
N SER D 19 -22.96 25.30 -14.70
CA SER D 19 -23.74 26.27 -13.94
C SER D 19 -24.72 26.98 -14.85
N LEU D 20 -25.84 27.41 -14.26
CA LEU D 20 -26.78 28.35 -14.87
C LEU D 20 -26.73 29.65 -14.09
N ASP D 21 -27.41 30.67 -14.59
CA ASP D 21 -27.38 32.00 -13.98
C ASP D 21 -28.38 32.07 -12.83
N LYS D 22 -27.87 31.98 -11.59
CA LYS D 22 -28.66 32.06 -10.36
C LYS D 22 -29.63 33.26 -10.33
N THR D 23 -29.27 34.36 -10.96
CA THR D 23 -30.11 35.54 -10.83
C THR D 23 -31.31 35.51 -11.76
N SER D 24 -31.38 34.53 -12.67
CA SER D 24 -32.51 34.42 -13.57
C SER D 24 -33.77 34.04 -12.82
N LYS D 25 -34.87 34.68 -13.19
CA LYS D 25 -36.17 34.26 -12.70
C LYS D 25 -36.58 32.91 -13.25
N ASN D 26 -35.94 32.43 -14.31
CA ASN D 26 -36.29 31.14 -14.87
C ASN D 26 -35.32 30.04 -14.45
N VAL D 27 -34.39 30.35 -13.56
CA VAL D 27 -33.44 29.37 -13.06
C VAL D 27 -33.74 29.06 -11.57
N GLY D 28 -33.86 27.78 -11.24
CA GLY D 28 -33.90 27.31 -9.86
C GLY D 28 -32.64 26.52 -9.50
N THR D 29 -32.13 26.76 -8.29
CA THR D 29 -30.88 26.19 -7.78
C THR D 29 -31.17 25.44 -6.49
N GLY D 30 -30.87 24.14 -6.48
CA GLY D 30 -30.87 23.36 -5.26
C GLY D 30 -29.45 23.01 -4.87
N LEU D 31 -29.09 23.31 -3.60
CA LEU D 31 -27.78 22.99 -3.05
C LEU D 31 -28.05 22.20 -1.78
N VAL D 32 -27.80 20.89 -1.80
CA VAL D 32 -28.15 20.01 -0.68
C VAL D 32 -26.91 19.21 -0.22
N GLY D 33 -26.96 18.70 1.02
CA GLY D 33 -25.81 17.98 1.58
C GLY D 33 -24.90 18.87 2.40
N ALA D 34 -23.72 18.34 2.78
CA ALA D 34 -22.79 19.10 3.62
C ALA D 34 -21.41 18.54 3.35
N PRO D 35 -20.36 19.38 3.21
CA PRO D 35 -18.99 18.85 3.06
C PRO D 35 -18.64 17.84 4.15
N ALA D 36 -19.07 18.06 5.42
CA ALA D 36 -18.67 17.16 6.50
C ALA D 36 -19.32 15.77 6.36
N CYS D 37 -20.37 15.65 5.56
CA CYS D 37 -20.98 14.35 5.29
CA CYS D 37 -21.00 14.37 5.29
C CYS D 37 -20.47 13.73 4.01
N GLY D 38 -19.56 14.39 3.29
CA GLY D 38 -18.96 13.83 2.11
C GLY D 38 -19.83 13.85 0.88
N ASP D 39 -20.88 14.68 0.83
CA ASP D 39 -21.79 14.61 -0.33
C ASP D 39 -22.51 15.96 -0.42
N VAL D 40 -22.24 16.73 -1.47
CA VAL D 40 -22.84 18.04 -1.69
C VAL D 40 -23.24 18.07 -3.15
N MET D 41 -24.53 18.27 -3.41
CA MET D 41 -25.01 18.40 -4.79
C MET D 41 -25.62 19.75 -5.09
N LYS D 42 -25.18 20.36 -6.19
CA LYS D 42 -25.80 21.57 -6.71
CA LYS D 42 -25.78 21.60 -6.72
C LYS D 42 -26.46 21.20 -8.03
N LEU D 43 -27.75 21.43 -8.12
CA LEU D 43 -28.55 21.14 -9.30
C LEU D 43 -29.31 22.40 -9.73
N GLN D 44 -29.16 22.81 -10.98
CA GLN D 44 -29.85 24.01 -11.49
C GLN D 44 -30.69 23.61 -12.69
N ILE D 45 -31.92 24.18 -12.80
CA ILE D 45 -32.85 23.85 -13.86
C ILE D 45 -33.14 25.17 -14.52
N GLN D 46 -33.39 25.13 -15.82
CA GLN D 46 -33.80 26.32 -16.54
C GLN D 46 -35.17 26.00 -17.12
N VAL D 47 -36.13 26.88 -16.88
CA VAL D 47 -37.53 26.64 -17.18
C VAL D 47 -37.98 27.67 -18.22
N ASP D 48 -38.65 27.22 -19.29
CA ASP D 48 -39.13 28.19 -20.26
C ASP D 48 -40.45 28.79 -19.76
N GLU D 49 -41.04 29.68 -20.56
CA GLU D 49 -42.25 30.37 -20.12
C GLU D 49 -43.49 29.49 -20.11
N LYS D 50 -43.46 28.33 -20.75
CA LYS D 50 -44.59 27.41 -20.65
C LYS D 50 -44.42 26.44 -19.49
N GLY D 51 -43.39 26.61 -18.66
CA GLY D 51 -43.16 25.73 -17.53
C GLY D 51 -42.44 24.44 -17.82
N LYS D 52 -41.92 24.27 -19.03
CA LYS D 52 -41.10 23.11 -19.36
C LYS D 52 -39.65 23.39 -19.00
N ILE D 53 -39.03 22.48 -18.25
CA ILE D 53 -37.60 22.54 -17.97
C ILE D 53 -36.86 22.27 -19.27
N VAL D 54 -36.06 23.24 -19.71
CA VAL D 54 -35.40 23.14 -21.00
C VAL D 54 -33.90 22.88 -20.89
N ASP D 55 -33.32 23.08 -19.71
CA ASP D 55 -31.89 22.81 -19.53
C ASP D 55 -31.63 22.64 -18.06
N ALA D 56 -30.54 21.96 -17.73
CA ALA D 56 -30.16 21.72 -16.36
C ALA D 56 -28.66 21.52 -16.31
N ARG D 57 -28.06 21.88 -15.17
CA ARG D 57 -26.62 21.70 -14.92
C ARG D 57 -26.44 21.20 -13.49
N PHE D 58 -25.31 20.52 -13.23
CA PHE D 58 -25.03 20.06 -11.88
C PHE D 58 -23.55 20.15 -11.59
N LYS D 59 -23.22 20.20 -10.29
CA LYS D 59 -21.91 19.95 -9.73
C LYS D 59 -22.09 19.13 -8.45
N THR D 60 -21.27 18.11 -8.27
CA THR D 60 -21.36 17.26 -7.08
C THR D 60 -19.97 16.98 -6.53
N PHE D 61 -19.87 17.11 -5.17
CA PHE D 61 -18.76 16.64 -4.36
C PHE D 61 -19.30 15.38 -3.72
N GLY D 62 -18.73 14.21 -4.04
CA GLY D 62 -19.29 13.00 -3.48
C GLY D 62 -18.70 11.79 -4.16
N CYS D 63 -19.06 10.62 -3.65
CA CYS D 63 -18.56 9.37 -4.23
C CYS D 63 -19.15 9.19 -5.65
N GLY D 64 -18.74 8.14 -6.34
CA GLY D 64 -19.19 7.97 -7.72
C GLY D 64 -20.71 7.84 -7.84
N SER D 65 -21.32 7.14 -6.89
CA SER D 65 -22.76 6.99 -6.94
C SER D 65 -23.50 8.30 -6.71
N ALA D 66 -22.91 9.23 -5.92
CA ALA D 66 -23.50 10.55 -5.73
C ALA D 66 -23.40 11.36 -7.03
N ILE D 67 -22.24 11.31 -7.66
CA ILE D 67 -22.06 11.94 -8.95
C ILE D 67 -23.04 11.36 -9.98
N ALA D 68 -23.14 10.04 -10.03
CA ALA D 68 -24.04 9.42 -10.98
C ALA D 68 -25.52 9.76 -10.69
N SER D 69 -25.92 9.73 -9.41
CA SER D 69 -27.32 10.03 -9.05
CA SER D 69 -27.33 10.01 -9.12
C SER D 69 -27.70 11.46 -9.45
N SER D 70 -26.81 12.40 -9.17
CA SER D 70 -27.13 13.79 -9.51
C SER D 70 -26.98 14.03 -11.00
N SER D 71 -26.05 13.35 -11.67
CA SER D 71 -25.94 13.49 -13.12
C SER D 71 -27.19 12.94 -13.81
N LEU D 72 -27.64 11.77 -13.36
CA LEU D 72 -28.86 11.18 -13.88
C LEU D 72 -30.05 12.11 -13.63
N ALA D 73 -30.18 12.62 -12.40
CA ALA D 73 -31.26 13.56 -12.09
C ALA D 73 -31.27 14.74 -13.06
N THR D 74 -30.10 15.29 -13.35
CA THR D 74 -29.98 16.42 -14.25
C THR D 74 -30.42 16.08 -15.68
N GLU D 75 -30.05 14.90 -16.17
CA GLU D 75 -30.58 14.45 -17.45
C GLU D 75 -32.10 14.31 -17.39
N TRP D 76 -32.60 13.75 -16.29
CA TRP D 76 -34.00 13.30 -16.29
C TRP D 76 -34.97 14.48 -16.21
N VAL D 77 -34.57 15.59 -15.57
CA VAL D 77 -35.49 16.74 -15.47
C VAL D 77 -35.67 17.44 -16.81
N LYS D 78 -34.75 17.26 -17.75
CA LYS D 78 -34.86 17.96 -19.01
C LYS D 78 -36.07 17.46 -19.78
N GLY D 79 -36.89 18.38 -20.26
CA GLY D 79 -38.07 18.05 -21.02
C GLY D 79 -39.27 17.72 -20.17
N LYS D 80 -39.13 17.78 -18.87
CA LYS D 80 -40.27 17.53 -18.00
C LYS D 80 -40.81 18.88 -17.57
N THR D 81 -42.13 18.99 -17.42
CA THR D 81 -42.60 20.20 -16.77
C THR D 81 -42.16 20.19 -15.30
N VAL D 82 -42.26 21.37 -14.69
CA VAL D 82 -41.97 21.53 -13.26
C VAL D 82 -42.78 20.55 -12.42
N GLU D 83 -44.07 20.38 -12.74
CA GLU D 83 -44.91 19.41 -12.01
C GLU D 83 -44.49 17.97 -12.29
N GLU D 84 -44.15 17.63 -13.53
CA GLU D 84 -43.66 16.29 -13.88
C GLU D 84 -42.37 15.96 -13.12
N ALA D 85 -41.37 16.87 -13.15
CA ALA D 85 -40.09 16.62 -12.47
C ALA D 85 -40.27 16.36 -10.98
N LEU D 86 -41.34 16.90 -10.39
CA LEU D 86 -41.67 16.71 -8.98
C LEU D 86 -41.87 15.23 -8.62
N THR D 87 -42.24 14.38 -9.58
CA THR D 87 -42.51 12.98 -9.29
C THR D 87 -41.31 12.06 -9.48
N ILE D 88 -40.17 12.56 -9.97
CA ILE D 88 -38.97 11.74 -9.94
C ILE D 88 -38.64 11.34 -8.51
N LYS D 89 -38.49 10.03 -8.27
CA LYS D 89 -38.18 9.51 -6.95
C LYS D 89 -36.76 8.97 -6.86
N ASN D 90 -36.21 9.07 -5.64
CA ASN D 90 -34.97 8.40 -5.31
C ASN D 90 -34.96 6.96 -5.82
N THR D 91 -36.08 6.24 -5.69
CA THR D 91 -36.09 4.83 -6.05
C THR D 91 -35.99 4.64 -7.55
N ASP D 92 -36.47 5.58 -8.36
CA ASP D 92 -36.25 5.51 -9.81
C ASP D 92 -34.76 5.64 -10.13
N ILE D 93 -34.11 6.64 -9.52
CA ILE D 93 -32.69 6.87 -9.74
C ILE D 93 -31.90 5.63 -9.33
N ALA D 94 -32.19 5.09 -8.14
CA ALA D 94 -31.44 3.93 -7.65
C ALA D 94 -31.64 2.72 -8.57
N LYS D 95 -32.89 2.45 -9.00
CA LYS D 95 -33.14 1.31 -9.88
C LYS D 95 -32.40 1.47 -11.20
N GLU D 96 -32.40 2.68 -11.74
CA GLU D 96 -31.73 2.89 -13.01
C GLU D 96 -30.22 2.70 -12.90
N LEU D 97 -29.62 3.11 -11.79
CA LEU D 97 -28.18 2.95 -11.62
C LEU D 97 -27.78 1.62 -11.00
N CYS D 98 -28.77 0.79 -10.60
CA CYS D 98 -28.54 -0.46 -9.87
C CYS D 98 -27.75 -0.21 -8.57
N LEU D 99 -28.15 0.79 -7.80
CA LEU D 99 -27.41 1.16 -6.59
C LEU D 99 -27.52 0.08 -5.52
N PRO D 100 -26.43 -0.24 -4.83
CA PRO D 100 -26.52 -1.12 -3.64
C PRO D 100 -27.17 -0.41 -2.47
N PRO D 101 -27.59 -1.13 -1.41
CA PRO D 101 -28.28 -0.46 -0.30
C PRO D 101 -27.44 0.59 0.39
N VAL D 102 -26.14 0.34 0.59
CA VAL D 102 -25.29 1.35 1.25
C VAL D 102 -25.12 2.63 0.44
N LYS D 103 -25.56 2.66 -0.81
CA LYS D 103 -25.49 3.91 -1.58
C LYS D 103 -26.88 4.46 -1.86
N LEU D 104 -27.93 3.93 -1.21
CA LEU D 104 -29.27 4.47 -1.45
C LEU D 104 -29.38 5.91 -0.98
N HIS D 105 -28.55 6.31 0.00
CA HIS D 105 -28.55 7.70 0.44
C HIS D 105 -28.20 8.66 -0.70
N CYS D 106 -27.39 8.21 -1.68
CA CYS D 106 -27.06 9.07 -2.82
C CYS D 106 -28.29 9.43 -3.66
N SER D 107 -29.15 8.44 -3.97
CA SER D 107 -30.33 8.72 -4.76
C SER D 107 -31.32 9.58 -3.98
N MET D 108 -31.36 9.44 -2.65
CA MET D 108 -32.24 10.29 -1.86
C MET D 108 -31.76 11.74 -1.90
N LEU D 109 -30.46 11.98 -1.73
CA LEU D 109 -29.95 13.34 -1.91
C LEU D 109 -30.21 13.89 -3.31
N ALA D 110 -30.12 13.05 -4.36
CA ALA D 110 -30.41 13.59 -5.68
C ALA D 110 -31.88 14.00 -5.82
N GLU D 111 -32.78 13.27 -5.19
CA GLU D 111 -34.18 13.68 -5.26
C GLU D 111 -34.39 14.96 -4.46
N ASP D 112 -33.71 15.09 -3.31
CA ASP D 112 -33.69 16.35 -2.54
C ASP D 112 -33.20 17.51 -3.40
N ALA D 113 -32.18 17.29 -4.22
CA ALA D 113 -31.65 18.37 -5.05
C ALA D 113 -32.67 18.82 -6.09
N ILE D 114 -33.36 17.87 -6.74
CA ILE D 114 -34.43 18.22 -7.68
C ILE D 114 -35.49 19.07 -6.99
N LYS D 115 -35.99 18.60 -5.85
CA LYS D 115 -37.05 19.35 -5.19
C LYS D 115 -36.55 20.69 -4.68
N ALA D 116 -35.28 20.78 -4.27
CA ALA D 116 -34.76 22.09 -3.86
C ALA D 116 -34.71 23.05 -5.04
N ALA D 117 -34.19 22.59 -6.18
CA ALA D 117 -34.11 23.43 -7.37
C ALA D 117 -35.50 23.88 -7.81
N LEU D 118 -36.46 22.96 -7.78
CA LEU D 118 -37.80 23.25 -8.25
C LEU D 118 -38.47 24.23 -7.30
N ALA D 119 -38.19 24.12 -5.98
CA ALA D 119 -38.77 25.03 -4.98
C ALA D 119 -38.18 26.44 -5.08
N ASP D 120 -36.88 26.55 -5.35
CA ASP D 120 -36.28 27.85 -5.56
C ASP D 120 -36.88 28.54 -6.78
N TYR D 121 -37.05 27.78 -7.88
CA TYR D 121 -37.74 28.31 -9.05
C TYR D 121 -39.16 28.78 -8.72
N LYS D 122 -39.95 27.96 -8.00
CA LYS D 122 -41.32 28.37 -7.69
C LYS D 122 -41.36 29.61 -6.81
N LEU D 123 -40.42 29.72 -5.88
CA LEU D 123 -40.29 30.92 -5.07
C LEU D 123 -40.15 32.16 -5.96
N LYS D 124 -39.37 32.04 -7.03
CA LYS D 124 -39.08 33.19 -7.89
C LYS D 124 -40.28 33.63 -8.72
N GLN D 125 -41.23 32.73 -9.00
CA GLN D 125 -42.40 33.05 -9.83
C GLN D 125 -43.51 33.76 -9.07
N GLU D 126 -43.55 33.62 -7.75
CA GLU D 126 -44.67 34.18 -6.98
C GLU D 126 -44.95 35.64 -7.32
N PRO D 127 -43.94 36.57 -7.37
CA PRO D 127 -44.31 37.93 -7.81
C PRO D 127 -44.76 38.00 -9.27
C1 EDO E . -9.39 1.02 -9.08
O1 EDO E . -10.54 2.05 -9.11
C2 EDO E . -9.85 -0.40 -9.58
O2 EDO E . -9.10 -1.60 -10.05
C1 EDO F . 6.62 15.84 2.80
O1 EDO F . 7.86 15.49 2.18
C2 EDO F . 6.21 17.28 2.47
O2 EDO F . 4.92 17.53 3.07
N1 PLP G . -2.36 -4.30 12.73
C2 PLP G . -1.94 -3.43 11.77
C2A PLP G . -1.11 -2.21 12.08
C3 PLP G . -2.28 -3.66 10.44
O3 PLP G . -1.87 -2.76 9.50
C4 PLP G . -3.05 -4.78 10.05
C4A PLP G . -4.07 -4.40 8.98
C5 PLP G . -3.44 -5.69 11.06
C6 PLP G . -3.10 -5.43 12.38
C5A PLP G . -4.28 -6.98 10.77
O4P PLP G . -3.35 -8.06 10.51
P PLP G . -3.74 -9.56 9.92
O1P PLP G . -2.37 -10.55 9.73
O2P PLP G . -4.84 -10.01 10.89
O3P PLP G . -4.31 -9.34 8.68
CD LPH H . -4.44 -6.78 6.93
CG LPH H . -4.69 -5.66 6.58
CB LPH H . -5.02 -4.23 6.19
CA LPH H . -4.27 -3.03 6.81
N LPH H . -4.14 -3.14 8.27
C LPH H . -4.86 -1.72 6.19
OXT LPH H . -4.84 -0.57 6.76
O LPH H . -5.40 -1.78 5.01
C1 GOL I . 12.44 0.19 -12.79
O1 GOL I . 12.05 0.17 -14.18
C2 GOL I . 12.42 1.71 -12.25
O2 GOL I . 12.16 1.81 -10.89
C3 GOL I . 13.78 2.40 -12.61
O3 GOL I . 14.03 3.35 -11.55
C1 GOL J . -7.62 23.04 -13.61
O1 GOL J . -6.38 23.67 -13.26
C2 GOL J . -8.72 23.49 -12.59
O2 GOL J . -9.80 24.11 -13.21
C3 GOL J . -9.20 22.23 -11.83
O3 GOL J . -8.82 22.38 -10.49
C1 EDO K . -11.53 9.28 -19.30
O1 EDO K . -12.83 9.84 -19.59
C2 EDO K . -11.64 8.30 -18.13
O2 EDO K . -10.32 8.03 -17.64
C1 EDO L . -12.15 7.53 -14.86
O1 EDO L . -10.88 7.98 -15.10
C2 EDO L . -12.20 6.24 -14.19
O2 EDO L . -13.55 6.24 -13.83
C1 EDO M . -0.36 24.38 -7.88
O1 EDO M . 0.38 24.68 -9.07
C2 EDO M . 0.34 24.90 -6.62
O2 EDO M . 0.92 23.80 -5.89
C1 EDO N . -12.32 3.84 16.42
O1 EDO N . -12.53 4.95 17.30
C2 EDO N . -13.60 3.05 16.10
O2 EDO N . -13.32 1.64 16.30
C1 EDO O . 17.04 -24.22 13.14
O1 EDO O . 16.24 -24.85 14.16
C2 EDO O . 17.47 -22.79 13.48
O2 EDO O . 18.09 -22.25 12.29
C1 EDO P . 14.72 -28.65 15.08
O1 EDO P . 15.85 -28.69 14.20
C2 EDO P . 14.14 -30.05 15.06
O2 EDO P . 12.72 -30.10 14.84
C1 EDO Q . 12.98 -4.50 28.88
O1 EDO Q . 13.97 -5.47 29.22
C2 EDO Q . 11.71 -4.96 29.57
O2 EDO Q . 10.60 -4.82 28.69
C1 EDO R . -2.95 -21.42 12.33
O1 EDO R . -2.87 -20.39 11.36
C2 EDO R . -4.12 -22.40 12.32
O2 EDO R . -3.66 -23.68 12.95
C1 EDO S . 21.57 -0.50 0.54
O1 EDO S . 21.36 0.37 -0.59
C2 EDO S . 22.00 -1.92 0.10
O2 EDO S . 21.96 -2.86 1.21
C1 PEG T . 13.10 -24.88 -2.71
O1 PEG T . 12.93 -24.51 -1.37
C2 PEG T . 13.92 -26.14 -2.87
O2 PEG T . 13.81 -26.51 -4.23
C3 PEG T . 14.83 -27.38 -4.70
C4 PEG T . 14.23 -28.29 -5.70
O4 PEG T . 14.05 -29.63 -5.21
O1 PG4 U . 19.84 -13.12 16.64
C1 PG4 U . 19.99 -14.18 15.70
C2 PG4 U . 20.95 -13.88 14.57
O2 PG4 U . 20.74 -12.54 14.08
C3 PG4 U . 20.97 -12.34 12.68
C4 PG4 U . 21.15 -13.66 11.99
O3 PG4 U . 21.38 -13.53 10.57
C5 PG4 U . 20.83 -14.69 9.96
C6 PG4 U . 20.63 -14.51 8.50
O4 PG4 U . 19.86 -13.33 8.27
C7 PG4 U . 20.30 -12.71 7.06
C8 PG4 U . 21.20 -11.53 7.37
O5 PG4 U . 20.75 -10.25 6.88
O1 PG4 V . 10.72 15.47 -7.66
C1 PG4 V . 11.32 14.50 -8.56
C2 PG4 V . 11.28 14.92 -10.02
O2 PG4 V . 10.62 13.95 -10.84
C3 PG4 V . 9.97 14.51 -12.00
C4 PG4 V . 9.63 13.48 -13.05
O3 PG4 V . 8.29 13.61 -13.58
C5 PG4 V . 7.95 14.99 -13.70
C6 PG4 V . 6.46 15.13 -13.86
O4 PG4 V . 5.97 16.11 -12.94
C7 PG4 V . 4.64 15.75 -12.57
C8 PG4 V . 3.76 15.65 -13.77
O5 PG4 V . 3.10 14.39 -13.81
C1 PEG W . 17.18 0.84 7.44
O1 PEG W . 17.96 -0.19 8.02
C2 PEG W . 17.03 2.02 8.38
O2 PEG W . 16.01 2.91 7.92
C3 PEG W . 15.10 3.34 8.92
C4 PEG W . 15.72 4.49 9.65
O4 PEG W . 15.98 5.56 8.76
C1 EDO X . 15.00 4.02 31.39
O1 EDO X . 16.10 4.47 30.57
C2 EDO X . 14.71 2.52 31.10
O2 EDO X . 13.48 2.02 31.69
C13 P15 Y . 0.28 21.52 -2.74
O6 P15 Y . -0.74 21.99 -1.95
C12 P15 Y . -0.08 22.38 -0.74
C11 P15 Y . -1.01 22.65 0.45
O5 P15 Y . -1.31 24.02 0.67
C10 P15 Y . -2.68 24.32 0.82
C9 P15 Y . -3.38 23.56 1.92
O4 P15 Y . -4.79 23.49 1.71
C8 P15 Y . -5.55 23.05 2.82
C7 P15 Y . -6.43 21.81 2.62
O3 P15 Y . -7.79 22.13 2.83
C6 P15 Y . -8.26 23.39 2.37
C5 P15 Y . -9.76 23.37 2.25
O2 P15 Y . -10.39 22.91 3.43
C4 P15 Y . -11.39 21.94 3.19
C3 P15 Y . -12.62 22.39 2.46
O1 P15 Y . -12.86 21.49 1.39
C2 P15 Y . -14.09 20.77 1.45
C1 P15 Y . -13.81 19.27 1.15
OXT P15 Y . -12.51 18.79 0.74
C1 PEG Z . -12.11 7.74 23.80
O1 PEG Z . -11.13 8.17 24.76
C2 PEG Z . -11.51 7.56 22.41
O2 PEG Z . -12.21 6.54 21.69
C3 PEG Z . -11.42 5.83 20.72
C4 PEG Z . -11.50 4.35 20.97
O4 PEG Z . -12.67 3.98 21.71
C1 EDO AA . 18.70 -19.76 21.49
O1 EDO AA . 17.58 -20.40 22.20
C2 EDO AA . 18.78 -20.17 20.00
O2 EDO AA . 19.16 -19.10 19.07
C1 PEG BA . -10.62 6.29 27.26
O1 PEG BA . -9.81 7.43 27.13
C2 PEG BA . -11.83 6.52 28.08
O2 PEG BA . -12.26 5.26 28.55
C3 PEG BA . -12.86 4.48 27.52
C4 PEG BA . -14.29 4.84 27.32
O4 PEG BA . -14.85 4.08 26.26
S1 DTT CA . 14.33 -10.95 24.21
C1 DTT CA . 16.04 -11.08 23.66
C2 DTT CA . 16.86 -12.12 24.38
O2 DTT CA . 16.10 -13.30 24.25
C3 DTT CA . 17.06 -11.87 25.87
O3 DTT CA . 16.39 -10.70 26.28
C4 DTT CA . 16.38 -12.99 26.64
S4 DTT CA . 14.68 -12.44 26.87
C1 EDO DA . 11.95 6.66 15.77
O1 EDO DA . 12.13 5.39 15.13
C2 EDO DA . 10.49 6.91 16.19
O2 EDO DA . 10.53 8.10 17.02
C1 EDO EA . -8.20 15.87 18.14
O1 EDO EA . -9.49 15.22 18.12
C2 EDO EA . -8.31 17.36 17.80
O2 EDO EA . -6.97 17.85 17.59
C1 EDO FA . -0.22 -13.74 39.43
O1 EDO FA . -1.15 -12.67 39.24
C2 EDO FA . 1.17 -13.27 39.02
O2 EDO FA . 2.03 -14.41 38.88
C1 EDO GA . -6.18 17.78 -18.05
O1 EDO GA . -4.97 17.42 -17.38
C2 EDO GA . -7.38 16.97 -17.55
O2 EDO GA . -7.59 17.20 -16.14
C1 PGE HA . 17.51 -15.30 1.65
O1 PGE HA . 17.55 -14.29 0.64
C2 PGE HA . 16.30 -16.16 1.30
O2 PGE HA . 16.01 -17.00 2.40
C3 PGE HA . 14.65 -17.39 2.37
C4 PGE HA . 14.56 -18.89 2.44
O4 PGE HA . 13.62 -22.14 3.40
C6 PGE HA . 13.40 -21.36 4.58
C5 PGE HA . 13.64 -19.84 4.47
O3 PGE HA . 14.76 -19.33 3.79
C1 EDO IA . 21.89 -9.46 -1.83
O1 EDO IA . 22.96 -8.50 -1.73
C2 EDO IA . 20.53 -8.75 -1.66
O2 EDO IA . 19.49 -9.35 -2.46
C1 EDO JA . 6.97 -16.38 27.33
O1 EDO JA . 8.04 -16.28 26.39
C2 EDO JA . 7.20 -15.67 28.69
O2 EDO JA . 6.04 -16.13 29.40
C1 EDO KA . 1.96 -31.23 21.32
O1 EDO KA . 0.86 -31.37 20.39
C2 EDO KA . 2.12 -29.80 21.86
O2 EDO KA . 3.45 -29.31 21.62
C1 PEG LA . -2.51 -25.62 26.90
O1 PEG LA . -3.43 -26.34 26.06
C2 PEG LA . -3.07 -24.27 27.26
O2 PEG LA . -4.47 -24.24 26.91
C3 PEG LA . -5.27 -23.64 27.92
C4 PEG LA . -6.33 -22.79 27.29
O4 PEG LA . -7.59 -23.16 27.79
C1 PEG MA . 20.64 -9.55 19.61
O1 PEG MA . 20.07 -8.25 19.74
C2 PEG MA . 20.47 -10.36 20.87
O2 PEG MA . 19.85 -11.62 20.55
C3 PEG MA . 19.08 -12.15 21.62
C4 PEG MA . 19.03 -13.65 21.49
O4 PEG MA . 18.63 -14.31 22.69
C1 EDO NA . 4.02 -4.28 -6.25
O1 EDO NA . 3.76 -3.73 -4.92
C2 EDO NA . 3.01 -5.43 -6.31
O2 EDO NA . 3.15 -6.22 -7.45
C1 EDO OA . 25.39 -21.17 -13.08
O1 EDO OA . 24.52 -22.29 -13.26
C2 EDO OA . 25.93 -20.77 -14.44
O2 EDO OA . 26.36 -19.41 -14.31
C1 PEG PA . 22.70 -3.71 -2.72
O1 PEG PA . 23.02 -5.07 -2.91
C2 PEG PA . 22.18 -3.06 -3.94
O2 PEG PA . 22.88 -1.83 -4.22
C3 PEG PA . 22.51 -0.73 -3.42
C4 PEG PA . 21.68 0.24 -4.20
O4 PEG PA . 20.85 1.00 -3.31
C1 EDO QA . 18.22 -25.56 -15.26
O1 EDO QA . 18.15 -25.98 -13.88
C2 EDO QA . 19.61 -25.92 -15.81
O2 EDO QA . 19.76 -25.25 -17.07
C1 PEG RA . 14.73 -27.49 -8.98
O1 PEG RA . 14.32 -28.49 -9.87
C2 PEG RA . 15.90 -26.72 -9.51
O2 PEG RA . 15.41 -25.61 -10.20
C3 PEG RA . 15.60 -25.70 -11.62
C4 PEG RA . 14.51 -24.97 -12.36
O4 PEG RA . 14.53 -25.17 -13.77
C1 EDO SA . 29.42 -3.89 -0.02
O1 EDO SA . 28.47 -3.34 0.90
C2 EDO SA . 29.84 -5.29 0.40
O2 EDO SA . 30.56 -5.28 1.66
C1 EDO TA . 7.35 -10.49 -20.83
O1 EDO TA . 7.81 -9.19 -21.24
C2 EDO TA . 8.51 -11.31 -20.26
O2 EDO TA . 8.25 -12.71 -20.51
O20 EDT UA . 5.62 -5.65 -21.12
C5 EDT UA . 6.78 -5.38 -20.76
O19 EDT UA . 7.85 -5.86 -21.23
C4 EDT UA . 6.92 -4.37 -19.60
N3 EDT UA . 8.19 -3.69 -19.44
C2 EDT UA . 8.05 -2.26 -19.44
C1 EDT UA . 6.69 -1.65 -19.83
O18 EDT UA . 6.13 -1.98 -20.93
O17 EDT UA . 6.32 -0.82 -18.97
C6 EDT UA . 9.05 -4.23 -18.38
C7 EDT UA . 10.50 -4.29 -18.85
N8 EDT UA . 11.15 -5.55 -18.51
C9 EDT UA . 11.75 -5.49 -17.20
C10 EDT UA . 13.18 -4.96 -16.97
O16 EDT UA . 13.32 -3.91 -16.27
O15 EDT UA . 14.08 -5.65 -17.54
C11 EDT UA . 12.01 -6.16 -19.58
C12 EDT UA . 11.45 -7.29 -20.51
O13 EDT UA . 12.11 -8.36 -20.62
O14 EDT UA . 10.36 -7.08 -21.11
C1 EDO VA . 41.51 -14.84 -8.29
O1 EDO VA . 41.56 -16.28 -8.32
C2 EDO VA . 40.89 -14.40 -6.96
O2 EDO VA . 41.25 -15.33 -5.92
O4 8Q1 WA . 27.71 -9.92 -5.50
C16 8Q1 WA . 13.23 -12.69 -7.05
O3 8Q1 WA . 36.10 -7.34 -14.99
C15 8Q1 WA . 14.49 -12.13 -6.34
C14 8Q1 WA . 15.90 -12.28 -6.91
C13 8Q1 WA . 16.97 -11.24 -6.45
O2 8Q1 WA . 34.78 -5.31 -14.25
C12 8Q1 WA . 18.46 -11.69 -6.44
C11 8Q1 WA . 19.59 -10.71 -6.03
C10 8Q1 WA . 20.97 -11.40 -6.32
C9 8Q1 WA . 22.25 -10.83 -5.67
C8 8Q1 WA . 23.57 -11.65 -5.81
C7 8Q1 WA . 24.89 -10.86 -5.38
C6 8Q1 WA . 26.05 -11.54 -6.18
C1 8Q1 WA . 27.46 -11.00 -5.95
C28 8Q1 WA . 33.37 -7.53 -12.33
C29 8Q1 WA . 33.60 -8.32 -11.04
C30 8Q1 WA . 32.42 -8.07 -10.05
C31 8Q1 WA . 33.68 -9.82 -11.43
C32 8Q1 WA . 34.91 -7.82 -10.43
C34 8Q1 WA . 35.34 -8.67 -9.24
C37 8Q1 WA . 35.48 -8.98 -6.79
C38 8Q1 WA . 34.27 -9.04 -5.87
C39 8Q1 WA . 33.04 -9.80 -6.42
C42 8Q1 WA . 30.59 -10.00 -6.78
C43 8Q1 WA . 30.28 -11.17 -5.88
N36 8Q1 WA . 35.09 -8.17 -7.91
N41 8Q1 WA . 31.72 -9.22 -6.25
O27 8Q1 WA . 34.58 -7.61 -12.99
O33 8Q1 WA . 34.78 -6.48 -10.03
O35 8Q1 WA . 35.87 -9.72 -9.39
O40 8Q1 WA . 33.16 -10.86 -6.98
P24 8Q1 WA . 34.83 -6.81 -14.39
S44 8Q1 WA . 28.79 -12.09 -6.46
O1 MES XA . 27.72 3.28 -16.80
C2 MES XA . 28.92 4.00 -17.10
C3 MES XA . 30.16 3.29 -16.54
N4 MES XA . 29.92 2.89 -15.17
C5 MES XA . 28.65 2.25 -14.78
C6 MES XA . 27.53 3.11 -15.38
C7 MES XA . 31.03 2.95 -14.23
C8 MES XA . 31.44 1.57 -13.71
S MES XA . 32.91 1.68 -12.90
O1S MES XA . 32.89 1.00 -11.58
O2S MES XA . 33.99 1.10 -13.73
O3S MES XA . 33.25 3.11 -12.67
C1 EDO YA . 37.30 -5.09 -17.99
O1 EDO YA . 36.49 -5.93 -18.82
C2 EDO YA . 36.40 -4.13 -17.27
O2 EDO YA . 36.67 -4.16 -15.86
C1 EDO ZA . 26.48 -16.49 -33.79
O1 EDO ZA . 27.17 -16.37 -35.05
C2 EDO ZA . 25.71 -17.82 -33.76
O2 EDO ZA . 25.19 -18.14 -32.44
C1 EDO AB . -21.49 26.21 -18.21
O1 EDO AB . -20.97 26.06 -16.89
C2 EDO AB . -22.91 25.69 -18.10
O2 EDO AB . -23.66 26.12 -19.27
OH2 1PE BB . -38.68 12.82 -20.10
C12 1PE BB . -39.79 13.20 -20.88
C22 1PE BB . -40.95 13.75 -20.05
OH3 1PE BB . -41.79 12.74 -19.53
C13 1PE BB . -43.20 12.18 -17.62
C23 1PE BB . -42.87 13.18 -18.73
OH4 1PE BB . -42.74 12.65 -16.38
C14 1PE BB . -42.03 11.83 -14.19
C24 1PE BB . -43.16 11.94 -15.23
OH5 1PE BB . -41.17 10.80 -14.57
C15 1PE BB . -39.30 9.38 -14.37
C25 1PE BB . -39.99 10.65 -13.84
OH6 1PE BB . -38.22 9.72 -15.21
C16 1PE BB . -37.21 9.73 -17.44
C26 1PE BB . -38.35 9.24 -16.53
OH7 1PE BB . -37.67 10.74 -18.28
C1 GOL CB . -25.71 37.52 -13.17
O1 GOL CB . -26.51 37.98 -14.27
C2 GOL CB . -24.42 36.76 -13.77
O2 GOL CB . -24.09 37.27 -15.04
C3 GOL CB . -23.25 37.02 -12.74
O3 GOL CB . -22.62 38.32 -13.12
C1 EDO DB . -31.95 9.13 -19.51
O1 EDO DB . -30.98 8.06 -19.49
C2 EDO DB . -31.50 10.26 -20.44
O2 EDO DB . -32.47 11.32 -20.39
#